data_6ZMQ
#
_entry.id   6ZMQ
#
_cell.length_a   68.720
_cell.length_b   128.270
_cell.length_c   134.980
_cell.angle_alpha   90.000
_cell.angle_beta   90.000
_cell.angle_gamma   90.000
#
_symmetry.space_group_name_H-M   'P 21 21 21'
#
loop_
_entity.id
_entity.type
_entity.pdbx_description
1 polymer 'Cytochrome C-type biogenesis protein ccmF'
2 non-polymer 'PROTOPORPHYRIN IX CONTAINING FE'
3 non-polymer DODECYL-BETA-D-MALTOSIDE
4 non-polymer PHOSPHATIDYLETHANOLAMINE
5 water water
#
_entity_poly.entity_id   1
_entity_poly.type   'polypeptide(L)'
_entity_poly.pdbx_seq_one_letter_code
;WSHPQFEKGAENLYFQSMTPALLGNLGVSLALAFSLLGLGLALLAYLQGDGRFLRGARALVFPAFLAALAAFLALEWALL
VHDFSLAYVARNHSTKDPLWVTLVTPWAALEGSILLWGLLQTLYTLLASRKPLDPWRASLVLAVLFGIQVFFFGVMATIA
SPFETLPDPPPDGVGPNPLLQNHWMMAVHPVLMYLGFVGLSVPYAYAVAAMATRRYQTWVEETRWWTLIAWGFLTAGKVA
GMWWSYEVLGWGGYWAWDPVENASFIPWLLATAFLHTAFVQQTRGAFKTWNFAFVTLAFAATLLGTFLTRSGIIQSVHAF
AEGPVGPAFLGFFLFATGLGLGLLSRVSREVRDAALFHPLSREGALLLGAFFFAGWALVVVLGTFYPLLVEAFTGAKVSV
GAPFFNQVSAPLGAGILLLMGVGPLLPWRRARGEVLRNLLVLLLALALGTLFGLLRGYTLGASFALGLFLYNAAAIYLLA
REGVLARVRAGLSPWGFLANRRRVGSLVVHFAVALMGLAIAFSQTYRLESEKTLYRGEAWEVGGVRMTFQGVRALDEGRR
FAVEALLKTDRFGEVRPRLHFYPQMNSPLPAPKVIYTPGNDYYFLLMDFDREKGEWASLRLIVTPLVFWMWVAGGLMALG
TLYILWPAARPEEARGVSPA
;
_entity_poly.pdbx_strand_id   A
#
loop_
_chem_comp.id
_chem_comp.type
_chem_comp.name
_chem_comp.formula
HEM non-polymer 'PROTOPORPHYRIN IX CONTAINING FE' 'C34 H32 Fe N4 O4'
LMT D-saccharide DODECYL-BETA-D-MALTOSIDE 'C24 H46 O11'
PTY non-polymer PHOSPHATIDYLETHANOLAMINE 'C40 H80 N O8 P'
#
# COMPACT_ATOMS: atom_id res chain seq x y z
N LYS A 8 -12.75 6.73 -65.95
CA LYS A 8 -12.56 6.74 -64.51
C LYS A 8 -13.39 5.58 -63.95
N GLY A 9 -13.67 5.58 -62.65
CA GLY A 9 -14.37 4.49 -62.00
C GLY A 9 -13.51 3.28 -61.73
N ALA A 10 -12.34 3.51 -61.14
CA ALA A 10 -11.53 2.48 -60.52
C ALA A 10 -10.96 3.08 -59.25
N GLU A 11 -11.31 2.48 -58.11
CA GLU A 11 -11.12 3.11 -56.79
C GLU A 11 -9.64 3.26 -56.45
N ASN A 12 -9.34 4.24 -55.59
CA ASN A 12 -7.98 4.57 -55.19
C ASN A 12 -7.84 4.41 -53.68
N LEU A 13 -7.31 3.27 -53.25
CA LEU A 13 -7.29 2.89 -51.85
C LEU A 13 -6.05 3.49 -51.18
N TYR A 14 -6.20 3.86 -49.92
CA TYR A 14 -5.11 4.24 -49.03
C TYR A 14 -5.22 3.34 -47.81
N PHE A 15 -4.13 3.21 -47.07
CA PHE A 15 -4.17 2.67 -45.71
C PHE A 15 -4.48 3.87 -44.82
N GLN A 16 -4.79 3.65 -43.54
CA GLN A 16 -4.65 4.67 -42.48
C GLN A 16 -3.31 4.22 -41.88
N SER A 17 -2.30 5.06 -41.85
CA SER A 17 -0.94 4.73 -41.49
C SER A 17 -0.85 4.41 -40.01
N MET A 18 -0.11 3.33 -39.70
CA MET A 18 -0.12 2.72 -38.37
C MET A 18 0.61 3.63 -37.40
N THR A 19 -0.19 4.43 -36.71
CA THR A 19 0.25 5.24 -35.59
C THR A 19 0.40 4.38 -34.35
N PRO A 20 1.03 4.92 -33.31
CA PRO A 20 0.76 4.40 -31.95
C PRO A 20 -0.70 4.55 -31.54
N ALA A 21 -1.39 5.57 -32.08
CA ALA A 21 -2.79 5.84 -31.76
C ALA A 21 -3.72 4.72 -32.18
N LEU A 22 -3.63 4.25 -33.42
CA LEU A 22 -4.53 3.18 -33.83
C LEU A 22 -4.06 1.81 -33.38
N LEU A 23 -2.76 1.64 -33.08
CA LEU A 23 -2.31 0.46 -32.36
C LEU A 23 -2.91 0.39 -30.97
N GLY A 24 -2.97 1.52 -30.27
CA GLY A 24 -3.53 1.52 -28.93
C GLY A 24 -5.04 1.45 -28.92
N ASN A 25 -5.66 2.01 -29.96
CA ASN A 25 -7.11 1.93 -30.09
C ASN A 25 -7.55 0.49 -30.39
N LEU A 26 -6.84 -0.19 -31.31
CA LEU A 26 -7.12 -1.61 -31.54
C LEU A 26 -6.73 -2.44 -30.32
N GLY A 27 -5.72 -1.99 -29.55
CA GLY A 27 -5.38 -2.61 -28.29
C GLY A 27 -6.48 -2.60 -27.25
N VAL A 28 -6.98 -1.42 -26.85
CA VAL A 28 -8.02 -1.36 -25.82
C VAL A 28 -9.34 -1.92 -26.35
N SER A 29 -9.63 -1.73 -27.64
CA SER A 29 -10.90 -2.24 -28.20
C SER A 29 -10.86 -3.75 -28.34
N LEU A 30 -9.76 -4.30 -28.83
CA LEU A 30 -9.63 -5.74 -29.00
C LEU A 30 -9.54 -6.44 -27.65
N ALA A 31 -8.93 -5.79 -26.64
CA ALA A 31 -8.92 -6.33 -25.28
C ALA A 31 -10.31 -6.32 -24.66
N LEU A 32 -11.07 -5.25 -24.91
CA LEU A 32 -12.46 -5.17 -24.48
C LEU A 32 -13.30 -6.27 -25.13
N ALA A 33 -13.05 -6.55 -26.42
CA ALA A 33 -13.79 -7.57 -27.15
C ALA A 33 -13.46 -8.97 -26.61
N PHE A 34 -12.17 -9.24 -26.35
CA PHE A 34 -11.76 -10.54 -25.81
C PHE A 34 -12.30 -10.75 -24.40
N SER A 35 -12.24 -9.71 -23.57
CA SER A 35 -12.73 -9.84 -22.20
C SER A 35 -14.25 -9.89 -22.12
N LEU A 36 -14.95 -9.19 -23.04
CA LEU A 36 -16.42 -9.27 -23.11
C LEU A 36 -16.88 -10.67 -23.48
N LEU A 37 -16.25 -11.26 -24.49
CA LEU A 37 -16.71 -12.59 -24.87
C LEU A 37 -16.18 -13.64 -23.89
N GLY A 38 -15.08 -13.34 -23.17
CA GLY A 38 -14.66 -14.19 -22.06
C GLY A 38 -15.66 -14.19 -20.91
N LEU A 39 -16.21 -13.02 -20.59
CA LEU A 39 -17.28 -12.93 -19.59
C LEU A 39 -18.55 -13.63 -20.07
N GLY A 40 -18.86 -13.54 -21.37
CA GLY A 40 -20.03 -14.22 -21.90
C GLY A 40 -19.91 -15.74 -21.94
N LEU A 41 -18.76 -16.26 -22.38
CA LEU A 41 -18.56 -17.71 -22.44
C LEU A 41 -18.39 -18.29 -21.03
N ALA A 42 -17.80 -17.55 -20.09
CA ALA A 42 -17.73 -18.01 -18.71
C ALA A 42 -19.10 -18.05 -18.04
N LEU A 43 -19.95 -17.06 -18.35
CA LEU A 43 -21.29 -17.06 -17.78
C LEU A 43 -22.17 -18.17 -18.37
N LEU A 44 -22.05 -18.44 -19.67
CA LEU A 44 -22.76 -19.58 -20.25
C LEU A 44 -22.23 -20.91 -19.72
N ALA A 45 -20.91 -20.96 -19.44
CA ALA A 45 -20.29 -22.15 -18.88
C ALA A 45 -20.78 -22.45 -17.46
N TYR A 46 -21.04 -21.40 -16.67
CA TYR A 46 -21.67 -21.66 -15.36
C TYR A 46 -23.13 -22.03 -15.52
N LEU A 47 -23.88 -21.29 -16.35
CA LEU A 47 -25.33 -21.40 -16.39
C LEU A 47 -25.81 -22.73 -16.97
N GLN A 48 -25.34 -23.08 -18.17
CA GLN A 48 -25.78 -24.32 -18.79
C GLN A 48 -24.77 -25.45 -18.72
N GLY A 49 -23.59 -25.22 -18.14
CA GLY A 49 -22.70 -26.31 -17.76
C GLY A 49 -21.98 -27.01 -18.88
N ASP A 50 -21.65 -26.32 -19.96
CA ASP A 50 -21.00 -26.96 -21.10
C ASP A 50 -19.50 -26.71 -21.04
N GLY A 51 -18.73 -27.73 -21.43
CA GLY A 51 -17.28 -27.66 -21.32
C GLY A 51 -16.65 -26.83 -22.41
N ARG A 52 -17.31 -26.73 -23.57
CA ARG A 52 -16.81 -25.97 -24.70
C ARG A 52 -16.83 -24.46 -24.51
N PHE A 53 -17.34 -23.97 -23.38
CA PHE A 53 -17.34 -22.55 -23.04
C PHE A 53 -16.36 -22.21 -21.91
N LEU A 54 -16.14 -23.16 -20.99
CA LEU A 54 -15.00 -23.05 -20.09
C LEU A 54 -13.69 -23.27 -20.83
N ARG A 55 -13.71 -23.98 -21.98
CA ARG A 55 -12.54 -23.91 -22.85
C ARG A 55 -12.42 -22.55 -23.51
N GLY A 56 -13.53 -21.90 -23.88
CA GLY A 56 -13.45 -20.65 -24.62
C GLY A 56 -12.99 -19.47 -23.77
N ALA A 57 -13.51 -19.36 -22.54
CA ALA A 57 -13.07 -18.30 -21.63
C ALA A 57 -11.61 -18.49 -21.21
N ARG A 58 -11.19 -19.74 -21.01
CA ARG A 58 -9.76 -20.06 -20.84
C ARG A 58 -8.97 -19.92 -22.13
N ALA A 59 -9.62 -19.87 -23.27
CA ALA A 59 -8.89 -19.60 -24.50
C ALA A 59 -8.64 -18.12 -24.69
N LEU A 60 -9.47 -17.25 -24.10
CA LEU A 60 -9.33 -15.81 -24.33
C LEU A 60 -8.52 -15.07 -23.28
N VAL A 61 -7.88 -15.76 -22.32
CA VAL A 61 -7.08 -15.06 -21.31
C VAL A 61 -5.77 -14.54 -21.91
N PHE A 62 -5.13 -15.36 -22.75
CA PHE A 62 -3.91 -14.93 -23.45
C PHE A 62 -4.14 -13.82 -24.47
N PRO A 63 -5.18 -13.84 -25.36
CA PRO A 63 -5.36 -12.68 -26.27
C PRO A 63 -5.78 -11.37 -25.59
N ALA A 64 -6.54 -11.42 -24.49
CA ALA A 64 -6.96 -10.21 -23.78
C ALA A 64 -5.76 -9.50 -23.17
N PHE A 65 -4.85 -10.27 -22.55
CA PHE A 65 -3.61 -9.71 -22.02
C PHE A 65 -2.71 -9.23 -23.15
N LEU A 66 -2.74 -9.91 -24.31
CA LEU A 66 -1.88 -9.49 -25.41
C LEU A 66 -2.34 -8.16 -26.01
N ALA A 67 -3.65 -7.96 -26.13
CA ALA A 67 -4.15 -6.67 -26.60
C ALA A 67 -3.95 -5.57 -25.56
N ALA A 68 -4.04 -5.91 -24.27
CA ALA A 68 -3.68 -4.96 -23.21
C ALA A 68 -2.21 -4.56 -23.28
N LEU A 69 -1.33 -5.54 -23.57
CA LEU A 69 0.09 -5.24 -23.73
C LEU A 69 0.35 -4.45 -24.99
N ALA A 70 -0.44 -4.67 -26.04
CA ALA A 70 -0.33 -3.88 -27.26
C ALA A 70 -0.69 -2.42 -27.01
N ALA A 71 -1.70 -2.17 -26.17
CA ALA A 71 -2.08 -0.79 -25.86
C ALA A 71 -1.04 -0.08 -24.97
N PHE A 72 -0.51 -0.78 -23.97
CA PHE A 72 0.53 -0.20 -23.12
C PHE A 72 1.82 0.06 -23.90
N LEU A 73 2.22 -0.88 -24.73
CA LEU A 73 3.43 -0.67 -25.53
C LEU A 73 3.20 0.36 -26.64
N ALA A 74 1.95 0.57 -27.05
CA ALA A 74 1.62 1.71 -27.91
C ALA A 74 1.82 3.03 -27.18
N LEU A 75 1.44 3.09 -25.90
CA LEU A 75 1.66 4.32 -25.14
C LEU A 75 3.15 4.56 -24.88
N GLU A 76 3.92 3.49 -24.61
CA GLU A 76 5.37 3.62 -24.43
C GLU A 76 6.07 3.98 -25.73
N TRP A 77 5.65 3.35 -26.83
CA TRP A 77 6.03 3.70 -28.20
C TRP A 77 5.84 5.20 -28.48
N ALA A 78 4.65 5.72 -28.18
CA ALA A 78 4.34 7.13 -28.44
C ALA A 78 5.16 8.06 -27.53
N LEU A 79 5.38 7.64 -26.29
CA LEU A 79 6.19 8.43 -25.38
C LEU A 79 7.67 8.41 -25.73
N LEU A 80 8.12 7.37 -26.44
CA LEU A 80 9.51 7.31 -26.85
C LEU A 80 9.76 8.02 -28.18
N VAL A 81 8.82 7.95 -29.13
CA VAL A 81 9.02 8.57 -30.43
C VAL A 81 8.66 10.05 -30.43
N HIS A 82 8.16 10.58 -29.30
CA HIS A 82 7.84 11.99 -29.07
C HIS A 82 6.77 12.49 -30.06
N ASP A 83 5.80 11.62 -30.32
CA ASP A 83 4.54 12.03 -30.91
C ASP A 83 3.87 12.98 -29.92
N PHE A 84 3.39 14.11 -30.42
CA PHE A 84 2.77 15.13 -29.58
C PHE A 84 1.30 15.34 -29.96
N SER A 85 0.76 14.47 -30.80
CA SER A 85 -0.61 14.62 -31.30
C SER A 85 -1.64 14.07 -30.32
N LEU A 86 -1.30 13.05 -29.55
CA LEU A 86 -2.22 12.54 -28.54
C LEU A 86 -2.26 13.50 -27.36
N ALA A 87 -3.42 13.56 -26.71
CA ALA A 87 -3.62 14.53 -25.62
C ALA A 87 -2.82 14.16 -24.38
N TYR A 88 -2.72 12.87 -24.08
CA TYR A 88 -2.05 12.39 -22.87
C TYR A 88 -0.55 12.66 -22.91
N VAL A 89 0.08 12.48 -24.08
CA VAL A 89 1.52 12.71 -24.19
C VAL A 89 1.83 14.20 -24.32
N ALA A 90 0.98 14.97 -25.01
CA ALA A 90 1.19 16.42 -25.14
C ALA A 90 1.00 17.12 -23.80
N ARG A 91 0.11 16.57 -22.95
CA ARG A 91 -0.03 17.11 -21.60
C ARG A 91 0.97 16.48 -20.62
N ASN A 92 1.58 15.35 -20.97
CA ASN A 92 2.57 14.73 -20.09
C ASN A 92 3.95 14.60 -20.73
N HIS A 93 4.23 15.34 -21.78
CA HIS A 93 5.59 15.73 -22.13
C HIS A 93 5.78 17.23 -21.96
N SER A 94 5.04 17.82 -21.03
CA SER A 94 5.44 19.06 -20.36
C SER A 94 6.29 18.78 -19.12
N THR A 95 6.70 17.53 -18.92
CA THR A 95 7.80 17.11 -18.03
C THR A 95 8.64 16.06 -18.74
N LYS A 96 9.02 16.32 -19.99
CA LYS A 96 9.31 15.15 -20.86
C LYS A 96 10.70 14.55 -21.02
N ASP A 97 11.80 15.14 -20.60
CA ASP A 97 12.99 14.66 -21.30
C ASP A 97 13.57 13.30 -20.87
N PRO A 98 13.97 13.05 -19.59
CA PRO A 98 14.87 11.91 -19.31
C PRO A 98 14.26 10.52 -19.54
N LEU A 99 15.15 9.52 -19.66
CA LEU A 99 14.74 8.18 -20.07
C LEU A 99 13.88 7.49 -19.03
N TRP A 100 14.25 7.58 -17.74
CA TRP A 100 13.48 6.91 -16.70
C TRP A 100 12.11 7.52 -16.49
N VAL A 101 11.94 8.81 -16.79
CA VAL A 101 10.63 9.40 -16.59
C VAL A 101 9.77 9.22 -17.84
N THR A 102 10.37 8.95 -19.01
CA THR A 102 9.56 8.59 -20.18
C THR A 102 9.00 7.19 -20.10
N LEU A 103 9.61 6.29 -19.31
CA LEU A 103 9.06 4.96 -19.15
C LEU A 103 8.07 4.87 -17.99
N VAL A 104 8.04 5.87 -17.11
CA VAL A 104 7.07 5.90 -16.01
C VAL A 104 6.03 7.01 -16.21
N THR A 105 6.09 7.72 -17.32
CA THR A 105 4.97 8.50 -17.85
C THR A 105 3.75 7.67 -18.32
N PRO A 106 3.86 6.44 -18.87
CA PRO A 106 2.63 5.68 -19.18
C PRO A 106 1.73 5.28 -18.00
N TRP A 107 2.02 5.69 -16.75
CA TRP A 107 0.99 5.71 -15.72
C TRP A 107 1.00 7.03 -14.94
N ALA A 108 1.42 8.14 -15.57
CA ALA A 108 1.57 9.41 -14.86
C ALA A 108 0.23 10.02 -14.46
N ALA A 109 -0.61 10.34 -15.44
CA ALA A 109 -1.96 10.79 -15.13
C ALA A 109 -2.93 9.63 -15.26
N LEU A 110 -4.22 9.96 -15.42
CA LEU A 110 -5.31 9.02 -15.12
C LEU A 110 -5.42 7.89 -16.15
N GLU A 111 -5.53 8.25 -17.44
CA GLU A 111 -5.85 7.29 -18.50
C GLU A 111 -4.74 6.26 -18.72
N GLY A 112 -3.47 6.70 -18.72
CA GLY A 112 -2.37 5.77 -18.78
C GLY A 112 -2.27 4.87 -17.55
N SER A 113 -2.65 5.41 -16.38
CA SER A 113 -2.58 4.60 -15.17
C SER A 113 -3.68 3.54 -15.14
N ILE A 114 -4.86 3.84 -15.70
CA ILE A 114 -5.84 2.77 -15.78
C ILE A 114 -5.51 1.79 -16.89
N LEU A 115 -4.70 2.21 -17.90
CA LEU A 115 -4.16 1.23 -18.84
C LEU A 115 -3.17 0.27 -18.16
N LEU A 116 -2.26 0.80 -17.32
CA LEU A 116 -1.33 -0.06 -16.59
C LEU A 116 -2.07 -0.92 -15.56
N TRP A 117 -3.14 -0.37 -14.99
CA TRP A 117 -4.00 -1.07 -14.05
C TRP A 117 -4.71 -2.25 -14.70
N GLY A 118 -5.34 -2.02 -15.86
CA GLY A 118 -5.97 -3.09 -16.59
C GLY A 118 -4.99 -4.09 -17.14
N LEU A 119 -3.75 -3.65 -17.42
CA LEU A 119 -2.70 -4.58 -17.85
C LEU A 119 -2.29 -5.53 -16.73
N LEU A 120 -2.08 -5.01 -15.52
CA LEU A 120 -1.70 -5.87 -14.42
C LEU A 120 -2.86 -6.75 -13.98
N GLN A 121 -4.11 -6.29 -14.19
CA GLN A 121 -5.28 -7.15 -14.07
C GLN A 121 -5.25 -8.31 -15.06
N THR A 122 -4.95 -8.02 -16.34
CA THR A 122 -4.91 -9.07 -17.35
C THR A 122 -3.75 -10.04 -17.12
N LEU A 123 -2.61 -9.53 -16.63
CA LEU A 123 -1.48 -10.41 -16.31
C LEU A 123 -1.81 -11.34 -15.16
N TYR A 124 -2.46 -10.83 -14.11
CA TYR A 124 -2.80 -11.66 -12.96
C TYR A 124 -3.90 -12.65 -13.31
N THR A 125 -4.82 -12.27 -14.20
CA THR A 125 -5.84 -13.21 -14.67
C THR A 125 -5.22 -14.28 -15.56
N LEU A 126 -4.17 -13.94 -16.31
CA LEU A 126 -3.42 -14.92 -17.10
C LEU A 126 -2.66 -15.90 -16.19
N LEU A 127 -2.01 -15.41 -15.14
CA LEU A 127 -1.27 -16.26 -14.21
C LEU A 127 -2.18 -17.09 -13.32
N ALA A 128 -3.44 -16.70 -13.16
CA ALA A 128 -4.42 -17.54 -12.48
C ALA A 128 -5.21 -18.40 -13.44
N SER A 129 -5.07 -18.18 -14.75
CA SER A 129 -5.86 -18.93 -15.72
C SER A 129 -5.39 -20.37 -15.89
N ARG A 130 -4.13 -20.67 -15.59
CA ARG A 130 -3.62 -22.04 -15.51
C ARG A 130 -3.91 -22.70 -14.17
N LYS A 131 -5.05 -22.37 -13.55
CA LYS A 131 -5.51 -22.93 -12.30
C LYS A 131 -5.71 -24.45 -12.39
N PRO A 132 -5.39 -25.18 -11.33
CA PRO A 132 -5.89 -26.55 -11.17
C PRO A 132 -7.24 -26.58 -10.44
N LEU A 133 -8.27 -26.03 -11.07
CA LEU A 133 -9.55 -25.82 -10.41
C LEU A 133 -10.70 -26.45 -11.19
N ASP A 134 -11.64 -27.03 -10.43
CA ASP A 134 -12.78 -27.75 -10.97
C ASP A 134 -13.74 -26.79 -11.70
N PRO A 135 -14.42 -27.24 -12.77
CA PRO A 135 -14.91 -26.29 -13.80
C PRO A 135 -16.03 -25.34 -13.40
N TRP A 136 -16.85 -25.64 -12.38
CA TRP A 136 -17.94 -24.73 -11.99
C TRP A 136 -17.40 -23.41 -11.45
N ARG A 137 -16.53 -23.47 -10.46
CA ARG A 137 -15.97 -22.22 -10.00
C ARG A 137 -14.77 -21.77 -10.83
N ALA A 138 -14.28 -22.60 -11.76
CA ALA A 138 -13.34 -22.10 -12.76
C ALA A 138 -14.04 -21.15 -13.73
N SER A 139 -15.25 -21.54 -14.18
CA SER A 139 -16.08 -20.66 -15.00
C SER A 139 -16.49 -19.41 -14.24
N LEU A 140 -16.76 -19.53 -12.94
CA LEU A 140 -17.16 -18.32 -12.24
C LEU A 140 -16.01 -17.39 -11.86
N VAL A 141 -14.79 -17.90 -11.57
CA VAL A 141 -13.66 -16.99 -11.36
C VAL A 141 -13.31 -16.26 -12.65
N LEU A 142 -13.45 -16.95 -13.80
CA LEU A 142 -13.24 -16.27 -15.07
C LEU A 142 -14.31 -15.22 -15.34
N ALA A 143 -15.57 -15.51 -14.95
CA ALA A 143 -16.65 -14.55 -15.13
C ALA A 143 -16.42 -13.23 -14.38
N VAL A 144 -16.03 -13.31 -13.10
CA VAL A 144 -15.85 -12.07 -12.34
C VAL A 144 -14.54 -11.37 -12.72
N LEU A 145 -13.46 -12.12 -13.04
CA LEU A 145 -12.21 -11.48 -13.42
C LEU A 145 -12.29 -10.83 -14.82
N PHE A 146 -12.98 -11.48 -15.76
CA PHE A 146 -13.27 -10.87 -17.05
C PHE A 146 -14.23 -9.69 -16.91
N GLY A 147 -15.09 -9.70 -15.89
CA GLY A 147 -15.91 -8.53 -15.59
C GLY A 147 -15.11 -7.32 -15.14
N ILE A 148 -14.10 -7.55 -14.30
CA ILE A 148 -13.23 -6.46 -13.84
C ILE A 148 -12.44 -5.88 -15.00
N GLN A 149 -11.93 -6.76 -15.88
CA GLN A 149 -11.25 -6.35 -17.10
C GLN A 149 -12.17 -5.56 -18.02
N VAL A 150 -13.43 -6.01 -18.13
CA VAL A 150 -14.43 -5.32 -18.95
C VAL A 150 -14.74 -3.94 -18.39
N PHE A 151 -14.76 -3.80 -17.05
CA PHE A 151 -14.94 -2.47 -16.46
C PHE A 151 -13.77 -1.56 -16.75
N PHE A 152 -12.54 -2.07 -16.63
CA PHE A 152 -11.35 -1.24 -16.86
C PHE A 152 -11.23 -0.81 -18.32
N PHE A 153 -11.52 -1.71 -19.24
CA PHE A 153 -11.36 -1.33 -20.64
C PHE A 153 -12.59 -0.61 -21.19
N GLY A 154 -13.78 -0.85 -20.61
CA GLY A 154 -14.92 0.02 -20.88
C GLY A 154 -14.70 1.44 -20.37
N VAL A 155 -14.21 1.59 -19.14
CA VAL A 155 -13.96 2.91 -18.55
C VAL A 155 -12.72 3.54 -19.18
N MET A 156 -11.92 2.74 -19.88
CA MET A 156 -10.84 3.26 -20.71
C MET A 156 -11.30 3.60 -22.12
N ALA A 157 -12.40 2.99 -22.59
CA ALA A 157 -12.79 3.21 -23.99
C ALA A 157 -13.88 4.25 -24.18
N THR A 158 -14.99 4.21 -23.44
CA THR A 158 -16.04 5.19 -23.72
C THR A 158 -15.73 6.51 -23.04
N ILE A 159 -15.17 6.45 -21.84
CA ILE A 159 -14.71 7.59 -21.08
C ILE A 159 -13.21 7.36 -20.92
N ALA A 160 -12.44 8.43 -20.65
CA ALA A 160 -11.06 8.35 -20.09
C ALA A 160 -10.08 7.57 -20.97
N SER A 161 -9.99 7.94 -22.24
CA SER A 161 -9.11 7.23 -23.17
C SER A 161 -7.72 7.85 -23.21
N PRO A 162 -6.66 7.06 -23.14
CA PRO A 162 -5.31 7.60 -23.37
C PRO A 162 -5.06 8.11 -24.78
N PHE A 163 -5.68 7.53 -25.80
CA PHE A 163 -5.32 7.81 -27.19
C PHE A 163 -6.30 8.77 -27.86
N GLU A 164 -6.27 10.03 -27.39
CA GLU A 164 -7.08 11.10 -27.97
C GLU A 164 -6.28 11.86 -29.04
N THR A 165 -6.80 13.02 -29.44
CA THR A 165 -6.08 13.95 -30.32
C THR A 165 -6.41 15.39 -29.91
N LEU A 180 6.08 15.82 -13.32
CA LEU A 180 5.93 17.10 -12.66
C LEU A 180 7.04 17.21 -11.60
N GLN A 181 7.60 16.08 -11.24
CA GLN A 181 8.39 16.03 -9.99
C GLN A 181 9.89 15.87 -10.16
N ASN A 182 10.50 15.32 -9.12
CA ASN A 182 11.92 15.04 -9.06
C ASN A 182 12.26 13.84 -8.19
N HIS A 183 11.35 12.87 -8.06
CA HIS A 183 11.70 11.65 -7.35
C HIS A 183 11.04 10.45 -8.02
N TRP A 184 11.67 9.30 -7.85
CA TRP A 184 11.31 8.04 -8.51
C TRP A 184 10.18 7.29 -7.82
N MET A 185 9.89 7.57 -6.53
CA MET A 185 8.84 6.85 -5.84
C MET A 185 7.45 7.26 -6.35
N MET A 186 7.32 8.47 -6.92
CA MET A 186 6.09 8.83 -7.64
C MET A 186 5.87 7.98 -8.90
N ALA A 187 6.90 7.29 -9.36
CA ALA A 187 6.77 6.15 -10.25
C ALA A 187 6.36 4.87 -9.53
N VAL A 188 7.02 4.51 -8.42
CA VAL A 188 6.92 3.15 -7.92
C VAL A 188 5.91 2.97 -6.77
N HIS A 189 5.54 4.05 -6.08
CA HIS A 189 4.39 3.98 -5.16
C HIS A 189 3.04 3.74 -5.85
N PRO A 190 2.74 4.24 -7.08
CA PRO A 190 1.50 3.75 -7.75
C PRO A 190 1.45 2.26 -8.04
N VAL A 191 2.48 1.69 -8.67
CA VAL A 191 2.44 0.29 -9.16
C VAL A 191 2.39 -0.69 -8.00
N LEU A 192 3.02 -0.33 -6.88
CA LEU A 192 3.00 -1.10 -5.63
C LEU A 192 1.58 -1.32 -5.11
N MET A 193 0.69 -0.37 -5.35
CA MET A 193 -0.69 -0.60 -4.97
C MET A 193 -1.50 -1.30 -6.07
N TYR A 194 -1.19 -1.02 -7.35
CA TYR A 194 -1.97 -1.63 -8.44
C TYR A 194 -1.77 -3.14 -8.47
N LEU A 195 -0.50 -3.57 -8.34
CA LEU A 195 -0.10 -4.95 -8.06
C LEU A 195 -0.85 -5.52 -6.86
N GLY A 196 -0.89 -4.73 -5.77
CA GLY A 196 -1.56 -5.18 -4.56
C GLY A 196 -3.04 -5.42 -4.79
N PHE A 197 -3.68 -4.52 -5.56
CA PHE A 197 -5.10 -4.67 -5.86
C PHE A 197 -5.35 -5.91 -6.68
N VAL A 198 -4.49 -6.16 -7.68
CA VAL A 198 -4.78 -7.26 -8.58
C VAL A 198 -4.44 -8.57 -7.90
N GLY A 199 -3.55 -8.54 -6.88
CA GLY A 199 -3.39 -9.68 -6.02
C GLY A 199 -4.66 -10.00 -5.24
N LEU A 200 -5.24 -8.97 -4.60
CA LEU A 200 -6.50 -9.17 -3.89
C LEU A 200 -7.68 -9.35 -4.84
N SER A 201 -7.48 -9.21 -6.16
CA SER A 201 -8.51 -9.58 -7.11
C SER A 201 -8.81 -11.07 -7.07
N VAL A 202 -7.76 -11.90 -7.11
CA VAL A 202 -7.96 -13.32 -7.43
C VAL A 202 -8.51 -14.15 -6.27
N PRO A 203 -8.16 -13.92 -4.99
CA PRO A 203 -8.96 -14.50 -3.89
C PRO A 203 -10.43 -14.09 -3.88
N TYR A 204 -10.73 -12.79 -4.11
CA TYR A 204 -12.11 -12.29 -4.14
C TYR A 204 -12.94 -13.02 -5.16
N ALA A 205 -12.37 -13.23 -6.36
CA ALA A 205 -12.96 -14.01 -7.42
C ALA A 205 -13.32 -15.41 -6.95
N TYR A 206 -12.34 -16.07 -6.30
CA TYR A 206 -12.54 -17.41 -5.73
C TYR A 206 -13.64 -17.40 -4.69
N ALA A 207 -13.70 -16.31 -3.88
CA ALA A 207 -14.71 -16.21 -2.84
C ALA A 207 -16.09 -16.05 -3.43
N VAL A 208 -16.23 -15.22 -4.48
CA VAL A 208 -17.53 -15.05 -5.11
C VAL A 208 -17.84 -16.28 -5.95
N ALA A 209 -16.81 -17.03 -6.30
CA ALA A 209 -17.02 -18.36 -6.84
C ALA A 209 -17.50 -19.31 -5.75
N ALA A 210 -16.85 -19.29 -4.58
CA ALA A 210 -17.05 -20.31 -3.55
C ALA A 210 -18.44 -20.26 -2.96
N MET A 211 -18.92 -19.06 -2.64
CA MET A 211 -20.28 -18.85 -2.13
C MET A 211 -21.35 -19.13 -3.17
N ALA A 212 -21.00 -19.17 -4.46
CA ALA A 212 -21.96 -19.63 -5.44
C ALA A 212 -21.78 -21.10 -5.78
N THR A 213 -20.61 -21.67 -5.53
CA THR A 213 -20.38 -23.07 -5.89
C THR A 213 -20.59 -23.96 -4.67
N ARG A 214 -20.82 -23.32 -3.50
CA ARG A 214 -21.19 -23.93 -2.23
C ARG A 214 -20.10 -24.84 -1.67
N ARG A 215 -18.85 -24.56 -2.05
CA ARG A 215 -17.65 -25.17 -1.49
C ARG A 215 -16.90 -24.06 -0.75
N TYR A 216 -17.09 -23.99 0.57
CA TYR A 216 -16.85 -22.77 1.34
C TYR A 216 -15.51 -22.72 2.06
N GLN A 217 -14.77 -23.83 2.11
CA GLN A 217 -13.51 -23.83 2.84
C GLN A 217 -12.30 -23.95 1.92
N THR A 218 -12.43 -24.66 0.80
CA THR A 218 -11.31 -24.99 -0.07
C THR A 218 -10.73 -23.79 -0.80
N TRP A 219 -11.48 -22.69 -0.90
CA TRP A 219 -11.12 -21.55 -1.75
C TRP A 219 -9.91 -20.77 -1.25
N VAL A 220 -9.61 -20.74 0.05
CA VAL A 220 -8.62 -19.79 0.53
C VAL A 220 -7.24 -20.42 0.61
N GLU A 221 -7.14 -21.74 0.65
CA GLU A 221 -5.87 -22.42 0.73
C GLU A 221 -5.28 -22.69 -0.64
N GLU A 222 -6.11 -22.66 -1.68
CA GLU A 222 -5.61 -22.61 -3.05
C GLU A 222 -5.22 -21.20 -3.48
N THR A 223 -5.65 -20.15 -2.78
CA THR A 223 -5.42 -18.78 -3.26
C THR A 223 -4.44 -18.03 -2.37
N ARG A 224 -3.81 -18.73 -1.42
CA ARG A 224 -3.14 -18.15 -0.25
C ARG A 224 -1.96 -17.26 -0.62
N TRP A 225 -1.26 -17.58 -1.71
CA TRP A 225 -0.04 -16.84 -2.02
C TRP A 225 -0.35 -15.50 -2.66
N TRP A 226 -1.48 -15.41 -3.38
CA TRP A 226 -1.94 -14.11 -3.89
C TRP A 226 -2.39 -13.21 -2.74
N THR A 227 -2.98 -13.80 -1.70
CA THR A 227 -3.37 -13.02 -0.52
C THR A 227 -2.14 -12.47 0.20
N LEU A 228 -1.11 -13.31 0.41
CA LEU A 228 0.11 -12.83 1.08
C LEU A 228 0.87 -11.83 0.22
N ILE A 229 1.01 -12.11 -1.08
CA ILE A 229 1.76 -11.24 -2.00
C ILE A 229 1.03 -9.92 -2.22
N ALA A 230 -0.31 -9.95 -2.25
CA ALA A 230 -1.11 -8.73 -2.35
C ALA A 230 -0.97 -7.87 -1.11
N TRP A 231 -0.97 -8.49 0.07
CA TRP A 231 -0.72 -7.76 1.30
C TRP A 231 0.72 -7.27 1.41
N GLY A 232 1.67 -8.01 0.85
CA GLY A 232 3.06 -7.57 0.85
C GLY A 232 3.27 -6.35 -0.02
N PHE A 233 2.58 -6.31 -1.16
CA PHE A 233 2.63 -5.14 -2.02
C PHE A 233 1.90 -3.95 -1.37
N LEU A 234 0.79 -4.22 -0.66
CA LEU A 234 0.12 -3.19 0.14
C LEU A 234 0.99 -2.66 1.28
N THR A 235 1.69 -3.53 2.01
CA THR A 235 2.48 -3.06 3.16
C THR A 235 3.72 -2.30 2.68
N ALA A 236 4.35 -2.76 1.58
CA ALA A 236 5.47 -2.03 1.00
C ALA A 236 5.03 -0.67 0.44
N GLY A 237 3.82 -0.61 -0.12
CA GLY A 237 3.27 0.67 -0.55
C GLY A 237 3.01 1.65 0.58
N LYS A 238 2.42 1.17 1.69
CA LYS A 238 2.14 2.07 2.81
C LYS A 238 3.41 2.55 3.51
N VAL A 239 4.37 1.63 3.76
CA VAL A 239 5.66 2.02 4.34
C VAL A 239 6.45 2.93 3.39
N ALA A 240 6.37 2.68 2.07
CA ALA A 240 7.07 3.51 1.10
C ALA A 240 6.46 4.90 0.99
N GLY A 241 5.12 5.00 1.05
CA GLY A 241 4.46 6.29 1.10
C GLY A 241 4.78 7.09 2.34
N MET A 242 4.90 6.40 3.49
CA MET A 242 5.38 7.01 4.72
C MET A 242 6.79 7.60 4.59
N TRP A 243 7.72 6.80 4.05
CA TRP A 243 9.12 7.24 3.87
C TRP A 243 9.21 8.41 2.91
N TRP A 244 8.42 8.36 1.84
CA TRP A 244 8.48 9.39 0.82
C TRP A 244 7.88 10.70 1.32
N SER A 245 6.78 10.62 2.06
CA SER A 245 6.15 11.81 2.63
C SER A 245 7.03 12.43 3.71
N TYR A 246 7.80 11.62 4.44
CA TYR A 246 8.72 12.22 5.41
C TYR A 246 9.95 12.83 4.71
N GLU A 247 10.71 12.03 3.96
CA GLU A 247 12.03 12.46 3.53
C GLU A 247 12.04 13.19 2.18
N VAL A 248 11.16 12.88 1.24
CA VAL A 248 11.28 13.51 -0.08
C VAL A 248 10.18 14.52 -0.38
N LEU A 249 8.92 14.27 -0.03
CA LEU A 249 7.92 15.33 -0.15
C LEU A 249 8.10 16.35 0.95
N GLY A 250 8.66 15.92 2.09
CA GLY A 250 9.26 16.78 3.07
C GLY A 250 8.38 17.80 3.76
N TRP A 251 7.19 17.39 4.17
CA TRP A 251 6.37 18.21 5.05
C TRP A 251 6.46 17.69 6.48
N GLY A 252 7.64 17.16 6.82
CA GLY A 252 8.02 16.86 8.19
C GLY A 252 7.17 15.84 8.91
N GLY A 253 6.70 14.83 8.21
CA GLY A 253 5.84 13.86 8.86
C GLY A 253 5.66 12.64 7.98
N TYR A 254 5.49 11.47 8.58
CA TYR A 254 5.36 10.24 7.81
C TYR A 254 3.92 9.92 7.49
N TRP A 255 2.96 10.53 8.18
CA TRP A 255 1.57 10.13 8.08
C TRP A 255 0.69 11.35 7.90
N ALA A 256 -0.30 11.24 7.03
CA ALA A 256 -1.31 12.26 6.86
C ALA A 256 -2.68 11.63 7.06
N TRP A 257 -3.56 12.32 7.77
CA TRP A 257 -4.90 11.83 8.03
C TRP A 257 -5.95 12.46 7.12
N ASP A 258 -5.52 13.07 6.02
CA ASP A 258 -6.42 13.70 5.06
C ASP A 258 -7.15 12.59 4.28
N PRO A 259 -8.31 12.87 3.64
CA PRO A 259 -9.11 11.77 3.06
C PRO A 259 -8.48 11.02 1.89
N VAL A 260 -7.39 11.52 1.32
CA VAL A 260 -6.69 10.78 0.27
C VAL A 260 -5.76 9.73 0.89
N GLU A 261 -5.10 10.08 1.98
CA GLU A 261 -3.97 9.29 2.48
C GLU A 261 -4.39 8.11 3.33
N ASN A 262 -5.30 8.32 4.29
CA ASN A 262 -5.75 7.22 5.14
C ASN A 262 -6.70 6.28 4.39
N ALA A 263 -7.19 6.71 3.22
CA ALA A 263 -7.93 5.85 2.29
C ALA A 263 -7.07 4.74 1.70
N SER A 264 -5.74 4.87 1.74
CA SER A 264 -4.86 3.73 1.48
C SER A 264 -4.44 3.02 2.76
N PHE A 265 -4.97 3.44 3.90
CA PHE A 265 -4.79 2.76 5.18
C PHE A 265 -5.92 1.79 5.48
N ILE A 266 -7.16 2.15 5.15
CA ILE A 266 -8.33 1.24 5.16
C ILE A 266 -8.12 -0.10 4.45
N PRO A 267 -7.61 -0.20 3.18
CA PRO A 267 -7.45 -1.54 2.58
C PRO A 267 -6.38 -2.39 3.27
N TRP A 268 -5.23 -1.77 3.58
CA TRP A 268 -4.12 -2.43 4.26
C TRP A 268 -4.53 -3.04 5.60
N LEU A 269 -5.44 -2.36 6.32
CA LEU A 269 -5.98 -2.90 7.56
C LEU A 269 -6.78 -4.18 7.30
N LEU A 270 -7.69 -4.14 6.31
CA LEU A 270 -8.61 -5.26 6.10
C LEU A 270 -7.88 -6.44 5.49
N ALA A 271 -6.95 -6.16 4.55
CA ALA A 271 -6.08 -7.19 4.00
C ALA A 271 -5.13 -7.78 5.06
N THR A 272 -5.09 -7.18 6.23
CA THR A 272 -4.32 -7.78 7.32
C THR A 272 -5.27 -8.66 8.10
N ALA A 273 -6.45 -8.17 8.39
CA ALA A 273 -7.40 -9.00 9.14
C ALA A 273 -7.72 -10.23 8.31
N PHE A 274 -7.88 -10.01 7.04
CA PHE A 274 -8.20 -11.12 6.13
C PHE A 274 -7.06 -12.11 6.10
N LEU A 275 -5.83 -11.66 6.11
CA LEU A 275 -4.67 -12.58 6.07
C LEU A 275 -4.72 -13.53 7.27
N HIS A 276 -4.94 -12.98 8.45
CA HIS A 276 -5.06 -13.78 9.68
C HIS A 276 -6.28 -14.71 9.62
N THR A 277 -7.45 -14.29 9.14
CA THR A 277 -8.61 -15.20 9.10
C THR A 277 -8.34 -16.29 8.05
N ALA A 278 -7.69 -15.95 6.94
CA ALA A 278 -7.42 -16.96 5.90
C ALA A 278 -6.48 -17.96 6.50
N PHE A 279 -5.48 -17.51 7.24
CA PHE A 279 -4.60 -18.48 7.89
C PHE A 279 -5.39 -19.39 8.83
N VAL A 280 -6.33 -18.87 9.60
CA VAL A 280 -7.05 -19.76 10.55
C VAL A 280 -7.78 -20.85 9.80
N GLN A 281 -8.55 -20.50 8.79
CA GLN A 281 -9.30 -21.58 8.14
C GLN A 281 -8.36 -22.45 7.32
N GLN A 282 -7.24 -21.86 6.82
CA GLN A 282 -6.13 -22.59 6.18
C GLN A 282 -5.59 -23.67 7.09
N THR A 283 -5.58 -23.37 8.39
CA THR A 283 -5.14 -24.37 9.35
C THR A 283 -6.27 -25.00 10.16
N ARG A 284 -7.52 -24.49 10.08
CA ARG A 284 -8.52 -25.02 11.02
C ARG A 284 -9.94 -25.12 10.49
N GLY A 285 -10.23 -24.57 9.31
CA GLY A 285 -11.61 -24.48 8.85
C GLY A 285 -12.51 -23.58 9.68
N ALA A 286 -12.01 -22.42 10.11
CA ALA A 286 -12.78 -21.52 10.96
C ALA A 286 -12.76 -20.09 10.45
N PHE A 287 -13.87 -19.41 10.72
CA PHE A 287 -14.28 -18.11 10.17
C PHE A 287 -14.17 -18.12 8.64
N LYS A 288 -14.96 -18.98 8.00
CA LYS A 288 -15.12 -18.81 6.56
C LYS A 288 -16.09 -17.69 6.24
N THR A 289 -17.02 -17.41 7.17
CA THR A 289 -17.92 -16.27 7.12
C THR A 289 -17.14 -14.95 7.13
N TRP A 290 -16.24 -14.82 8.10
CA TRP A 290 -15.43 -13.61 8.22
C TRP A 290 -14.40 -13.52 7.12
N ASN A 291 -13.99 -14.66 6.56
CA ASN A 291 -13.04 -14.64 5.45
C ASN A 291 -13.67 -14.12 4.19
N PHE A 292 -14.91 -14.57 3.89
CA PHE A 292 -15.67 -14.05 2.76
C PHE A 292 -15.93 -12.56 2.92
N ALA A 293 -16.33 -12.15 4.14
CA ALA A 293 -16.55 -10.74 4.46
C ALA A 293 -15.28 -9.91 4.29
N PHE A 294 -14.15 -10.41 4.79
CA PHE A 294 -12.92 -9.64 4.78
C PHE A 294 -12.32 -9.55 3.39
N VAL A 295 -12.42 -10.60 2.57
CA VAL A 295 -11.85 -10.51 1.22
C VAL A 295 -12.70 -9.62 0.34
N THR A 296 -14.04 -9.59 0.55
CA THR A 296 -14.87 -8.67 -0.21
C THR A 296 -14.61 -7.21 0.17
N LEU A 297 -14.54 -6.95 1.48
CA LEU A 297 -14.34 -5.59 1.98
C LEU A 297 -12.94 -5.09 1.66
N ALA A 298 -11.92 -5.94 1.86
CA ALA A 298 -10.53 -5.61 1.53
C ALA A 298 -10.33 -5.37 0.05
N PHE A 299 -10.99 -6.16 -0.81
CA PHE A 299 -10.82 -6.02 -2.25
C PHE A 299 -11.44 -4.72 -2.76
N ALA A 300 -12.69 -4.44 -2.38
CA ALA A 300 -13.33 -3.19 -2.82
C ALA A 300 -12.68 -1.96 -2.16
N ALA A 301 -12.15 -2.13 -0.95
CA ALA A 301 -11.36 -1.09 -0.31
C ALA A 301 -10.10 -0.80 -1.11
N THR A 302 -9.41 -1.86 -1.58
CA THR A 302 -8.21 -1.68 -2.39
C THR A 302 -8.54 -1.05 -3.74
N LEU A 303 -9.73 -1.32 -4.28
CA LEU A 303 -10.23 -0.61 -5.46
C LEU A 303 -10.30 0.89 -5.23
N LEU A 304 -11.04 1.29 -4.19
CA LEU A 304 -11.25 2.72 -3.95
C LEU A 304 -9.99 3.40 -3.41
N GLY A 305 -9.05 2.63 -2.86
CA GLY A 305 -7.76 3.18 -2.50
C GLY A 305 -6.82 3.35 -3.67
N THR A 306 -6.92 2.46 -4.66
CA THR A 306 -6.03 2.58 -5.82
C THR A 306 -6.53 3.66 -6.77
N PHE A 307 -7.84 3.89 -6.81
CA PHE A 307 -8.38 4.97 -7.61
C PHE A 307 -8.05 6.34 -7.02
N LEU A 308 -7.82 6.43 -5.71
CA LEU A 308 -7.69 7.73 -5.07
C LEU A 308 -6.36 7.85 -4.32
N THR A 309 -5.27 7.32 -4.90
CA THR A 309 -3.97 7.59 -4.31
C THR A 309 -3.43 8.94 -4.75
N ARG A 310 -2.17 9.21 -4.34
CA ARG A 310 -1.43 10.45 -4.54
C ARG A 310 -1.40 10.90 -5.99
N SER A 311 -2.05 12.03 -6.26
CA SER A 311 -2.24 12.50 -7.62
C SER A 311 -1.72 13.92 -7.77
N GLY A 323 -14.01 14.32 -12.58
CA GLY A 323 -15.09 14.43 -13.53
C GLY A 323 -16.06 13.26 -13.48
N PRO A 324 -16.35 12.66 -14.64
CA PRO A 324 -17.30 11.54 -14.69
C PRO A 324 -16.68 10.14 -14.61
N VAL A 325 -15.42 10.00 -14.21
CA VAL A 325 -14.82 8.66 -14.04
C VAL A 325 -15.06 8.13 -12.62
N GLY A 326 -15.02 9.03 -11.64
CA GLY A 326 -15.49 8.80 -10.29
C GLY A 326 -16.87 8.20 -10.09
N PRO A 327 -17.90 8.67 -10.83
CA PRO A 327 -19.18 7.93 -10.88
C PRO A 327 -19.06 6.47 -11.31
N ALA A 328 -18.22 6.16 -12.31
CA ALA A 328 -18.05 4.79 -12.76
C ALA A 328 -17.36 3.94 -11.71
N PHE A 329 -16.33 4.50 -11.06
CA PHE A 329 -15.64 3.77 -10.00
C PHE A 329 -16.50 3.59 -8.76
N LEU A 330 -17.39 4.55 -8.48
CA LEU A 330 -18.33 4.41 -7.37
C LEU A 330 -19.36 3.30 -7.66
N GLY A 331 -19.87 3.25 -8.89
CA GLY A 331 -20.76 2.16 -9.30
C GLY A 331 -20.08 0.80 -9.28
N PHE A 332 -18.79 0.75 -9.66
CA PHE A 332 -18.03 -0.49 -9.62
C PHE A 332 -17.80 -0.97 -8.18
N PHE A 333 -17.48 -0.03 -7.27
CA PHE A 333 -17.30 -0.32 -5.84
C PHE A 333 -18.58 -0.87 -5.22
N LEU A 334 -19.71 -0.18 -5.51
CA LEU A 334 -21.02 -0.61 -5.06
C LEU A 334 -21.37 -2.01 -5.56
N PHE A 335 -21.03 -2.29 -6.83
CA PHE A 335 -21.24 -3.60 -7.43
C PHE A 335 -20.43 -4.68 -6.72
N ALA A 336 -19.15 -4.40 -6.45
CA ALA A 336 -18.23 -5.38 -5.84
C ALA A 336 -18.64 -5.74 -4.41
N THR A 337 -18.80 -4.72 -3.55
CA THR A 337 -19.28 -4.95 -2.18
C THR A 337 -20.66 -5.59 -2.12
N GLY A 338 -21.58 -5.15 -2.99
CA GLY A 338 -22.92 -5.71 -2.99
C GLY A 338 -22.95 -7.16 -3.44
N LEU A 339 -22.12 -7.50 -4.42
CA LEU A 339 -22.08 -8.87 -4.94
C LEU A 339 -21.50 -9.85 -3.92
N GLY A 340 -20.33 -9.51 -3.35
CA GLY A 340 -19.71 -10.40 -2.36
C GLY A 340 -20.52 -10.56 -1.09
N LEU A 341 -21.03 -9.44 -0.55
CA LEU A 341 -21.79 -9.56 0.69
C LEU A 341 -23.22 -10.02 0.45
N GLY A 342 -23.74 -9.92 -0.78
CA GLY A 342 -25.01 -10.55 -1.09
C GLY A 342 -24.90 -12.07 -1.14
N LEU A 343 -23.84 -12.58 -1.79
CA LEU A 343 -23.67 -14.03 -1.79
C LEU A 343 -23.22 -14.57 -0.44
N LEU A 344 -22.62 -13.75 0.42
CA LEU A 344 -22.42 -14.20 1.81
C LEU A 344 -23.71 -14.13 2.62
N SER A 345 -24.59 -13.17 2.30
CA SER A 345 -25.89 -13.09 2.94
C SER A 345 -26.76 -14.30 2.62
N ARG A 346 -26.64 -14.85 1.41
CA ARG A 346 -27.38 -16.08 1.11
C ARG A 346 -26.70 -17.34 1.65
N VAL A 347 -25.50 -17.21 2.24
CA VAL A 347 -24.99 -18.32 3.06
C VAL A 347 -24.39 -17.85 4.38
N HIS A 358 -13.40 -23.05 22.50
CA HIS A 358 -13.18 -21.92 21.60
C HIS A 358 -12.76 -20.49 22.12
N PRO A 359 -13.21 -19.98 23.29
CA PRO A 359 -13.22 -18.51 23.43
C PRO A 359 -11.86 -17.85 23.69
N LEU A 360 -10.93 -18.54 24.37
CA LEU A 360 -9.71 -17.89 24.83
C LEU A 360 -8.50 -18.46 24.11
N SER A 361 -8.72 -18.92 22.89
CA SER A 361 -7.77 -19.74 22.17
C SER A 361 -6.91 -18.87 21.24
N ARG A 362 -6.07 -19.52 20.42
CA ARG A 362 -5.35 -18.78 19.39
C ARG A 362 -6.30 -18.30 18.30
N GLU A 363 -7.38 -19.07 18.04
CA GLU A 363 -8.45 -18.63 17.15
C GLU A 363 -9.19 -17.42 17.70
N GLY A 364 -9.46 -17.41 19.01
CA GLY A 364 -10.13 -16.29 19.63
C GLY A 364 -9.28 -15.04 19.66
N ALA A 365 -7.98 -15.20 19.88
CA ALA A 365 -7.05 -14.08 19.84
C ALA A 365 -6.90 -13.53 18.43
N LEU A 366 -6.81 -14.40 17.42
CA LEU A 366 -6.67 -13.93 16.04
C LEU A 366 -7.97 -13.29 15.55
N LEU A 367 -9.11 -13.81 15.98
CA LEU A 367 -10.40 -13.25 15.56
C LEU A 367 -10.68 -11.93 16.24
N LEU A 368 -10.27 -11.78 17.52
CA LEU A 368 -10.39 -10.49 18.17
C LEU A 368 -9.40 -9.48 17.60
N GLY A 369 -8.22 -9.94 17.17
CA GLY A 369 -7.29 -9.03 16.50
C GLY A 369 -7.78 -8.56 15.15
N ALA A 370 -8.38 -9.48 14.38
CA ALA A 370 -9.04 -9.12 13.13
C ALA A 370 -10.24 -8.20 13.36
N PHE A 371 -10.95 -8.38 14.48
CA PHE A 371 -11.99 -7.44 14.87
C PHE A 371 -11.42 -6.07 15.21
N PHE A 372 -10.22 -6.04 15.80
CA PHE A 372 -9.56 -4.77 16.12
C PHE A 372 -9.12 -4.04 14.85
N PHE A 373 -8.62 -4.80 13.86
CA PHE A 373 -8.26 -4.24 12.56
C PHE A 373 -9.49 -3.69 11.82
N ALA A 374 -10.56 -4.49 11.77
CA ALA A 374 -11.81 -4.07 11.13
C ALA A 374 -12.46 -2.91 11.86
N GLY A 375 -12.36 -2.89 13.19
CA GLY A 375 -12.86 -1.77 13.96
C GLY A 375 -12.08 -0.49 13.74
N TRP A 376 -10.76 -0.63 13.54
CA TRP A 376 -9.92 0.52 13.21
C TRP A 376 -10.29 1.11 11.86
N ALA A 377 -10.44 0.26 10.83
CA ALA A 377 -10.87 0.71 9.51
C ALA A 377 -12.28 1.28 9.54
N LEU A 378 -13.15 0.69 10.36
CA LEU A 378 -14.50 1.19 10.59
C LEU A 378 -14.49 2.58 11.21
N VAL A 379 -13.60 2.83 12.19
CA VAL A 379 -13.53 4.13 12.83
C VAL A 379 -12.92 5.18 11.90
N VAL A 380 -11.96 4.78 11.05
CA VAL A 380 -11.37 5.74 10.10
C VAL A 380 -12.39 6.13 9.02
N VAL A 381 -13.18 5.16 8.54
CA VAL A 381 -14.24 5.45 7.57
C VAL A 381 -15.35 6.28 8.22
N LEU A 382 -15.76 5.89 9.45
CA LEU A 382 -16.82 6.60 10.17
C LEU A 382 -16.39 8.00 10.62
N GLY A 383 -15.08 8.24 10.73
CA GLY A 383 -14.61 9.57 11.07
C GLY A 383 -14.42 10.47 9.85
N THR A 384 -13.98 9.87 8.73
CA THR A 384 -13.81 10.60 7.47
C THR A 384 -15.13 11.19 6.97
N PHE A 385 -16.21 10.43 7.08
CA PHE A 385 -17.50 10.86 6.57
C PHE A 385 -18.36 11.52 7.65
N TYR A 386 -17.86 11.63 8.88
CA TYR A 386 -18.59 12.29 9.95
C TYR A 386 -18.74 13.80 9.74
N PRO A 387 -17.76 14.56 9.13
CA PRO A 387 -18.11 15.87 8.57
C PRO A 387 -18.95 15.82 7.29
N LEU A 388 -18.84 14.74 6.50
CA LEU A 388 -19.60 14.66 5.26
C LEU A 388 -21.08 14.45 5.53
N LEU A 389 -21.42 13.51 6.42
CA LEU A 389 -22.79 13.04 6.55
C LEU A 389 -23.65 13.87 7.50
N VAL A 390 -23.15 15.00 8.01
CA VAL A 390 -24.00 15.93 8.74
C VAL A 390 -24.64 16.85 7.71
N GLU A 391 -25.90 16.57 7.39
CA GLU A 391 -26.79 17.50 6.70
C GLU A 391 -28.23 17.13 7.02
N GLY A 401 -10.84 15.18 12.36
CA GLY A 401 -9.53 15.77 12.48
C GLY A 401 -8.48 14.82 13.03
N ALA A 402 -7.24 15.31 13.07
CA ALA A 402 -6.12 14.54 13.62
C ALA A 402 -6.21 14.16 15.10
N PRO A 403 -6.78 14.98 16.04
CA PRO A 403 -6.98 14.45 17.41
C PRO A 403 -7.93 13.25 17.50
N PHE A 404 -9.01 13.23 16.70
CA PHE A 404 -9.88 12.06 16.58
C PHE A 404 -9.08 10.82 16.19
N PHE A 405 -8.33 10.91 15.09
CA PHE A 405 -7.67 9.71 14.56
C PHE A 405 -6.51 9.26 15.44
N ASN A 406 -5.79 10.20 16.07
CA ASN A 406 -4.72 9.81 16.99
C ASN A 406 -5.28 9.15 18.25
N GLN A 407 -6.35 9.74 18.84
CA GLN A 407 -6.87 9.20 20.09
C GLN A 407 -7.65 7.90 19.87
N VAL A 408 -8.12 7.64 18.65
CA VAL A 408 -8.64 6.31 18.39
C VAL A 408 -7.52 5.32 18.05
N SER A 409 -6.43 5.78 17.41
CA SER A 409 -5.42 4.84 16.92
C SER A 409 -4.54 4.31 18.03
N ALA A 410 -4.28 5.12 19.05
CA ALA A 410 -3.34 4.68 20.09
C ALA A 410 -3.86 3.55 20.99
N PRO A 411 -5.13 3.53 21.46
CA PRO A 411 -5.62 2.30 22.15
C PRO A 411 -5.73 1.09 21.25
N LEU A 412 -6.16 1.27 20.00
CA LEU A 412 -6.34 0.14 19.09
C LEU A 412 -4.99 -0.43 18.67
N GLY A 413 -3.99 0.44 18.50
CA GLY A 413 -2.63 -0.01 18.25
C GLY A 413 -2.03 -0.73 19.43
N ALA A 414 -2.30 -0.26 20.65
CA ALA A 414 -1.89 -0.97 21.86
C ALA A 414 -2.54 -2.35 21.96
N GLY A 415 -3.81 -2.45 21.54
CA GLY A 415 -4.50 -3.72 21.57
C GLY A 415 -3.99 -4.74 20.57
N ILE A 416 -3.67 -4.31 19.35
CA ILE A 416 -3.12 -5.27 18.39
C ILE A 416 -1.67 -5.63 18.74
N LEU A 417 -0.90 -4.68 19.28
CA LEU A 417 0.46 -5.00 19.70
C LEU A 417 0.49 -5.92 20.92
N LEU A 418 -0.58 -5.90 21.73
CA LEU A 418 -0.70 -6.84 22.84
C LEU A 418 -1.15 -8.22 22.34
N LEU A 419 -2.14 -8.24 21.44
CA LEU A 419 -2.74 -9.49 21.00
C LEU A 419 -1.78 -10.28 20.11
N MET A 420 -0.94 -9.58 19.34
CA MET A 420 0.10 -10.19 18.50
C MET A 420 1.11 -10.97 19.33
N GLY A 421 1.47 -10.42 20.49
CA GLY A 421 2.30 -11.17 21.41
C GLY A 421 1.58 -12.34 22.07
N VAL A 422 0.35 -12.11 22.55
CA VAL A 422 -0.28 -13.13 23.39
C VAL A 422 -0.86 -14.29 22.55
N GLY A 423 -1.18 -14.07 21.27
CA GLY A 423 -1.96 -14.99 20.47
C GLY A 423 -1.30 -16.30 20.08
N PRO A 424 -0.16 -16.24 19.38
CA PRO A 424 0.55 -17.48 19.00
C PRO A 424 1.13 -18.32 20.16
N LEU A 425 1.12 -17.81 21.39
CA LEU A 425 1.52 -18.56 22.56
C LEU A 425 0.35 -19.28 23.21
N LEU A 426 -0.82 -19.27 22.57
CA LEU A 426 -2.01 -19.98 22.96
C LEU A 426 -2.20 -21.21 22.09
N PRO A 427 -2.69 -22.30 22.66
CA PRO A 427 -3.01 -23.48 21.85
C PRO A 427 -4.34 -23.31 21.13
N TRP A 428 -4.54 -24.15 20.10
CA TRP A 428 -5.75 -24.12 19.30
C TRP A 428 -6.94 -24.68 20.08
N ARG A 429 -8.10 -24.01 19.92
CA ARG A 429 -9.45 -24.30 20.48
C ARG A 429 -9.43 -24.81 21.93
N ARG A 430 -8.96 -23.96 22.83
CA ARG A 430 -8.94 -24.26 24.24
C ARG A 430 -10.19 -23.69 24.93
N ALA A 431 -10.66 -24.40 25.97
CA ALA A 431 -11.80 -23.94 26.76
C ALA A 431 -11.47 -22.67 27.54
N ARG A 432 -10.44 -22.70 28.39
CA ARG A 432 -10.12 -21.54 29.20
C ARG A 432 -8.63 -21.53 29.52
N GLY A 433 -8.11 -20.34 29.80
CA GLY A 433 -6.72 -20.16 30.19
C GLY A 433 -6.45 -20.54 31.63
N GLU A 434 -6.44 -21.84 31.91
CA GLU A 434 -6.22 -22.31 33.26
C GLU A 434 -4.92 -23.07 33.46
N VAL A 435 -4.38 -23.69 32.41
CA VAL A 435 -3.22 -24.56 32.62
C VAL A 435 -1.91 -23.80 32.43
N LEU A 436 -1.60 -23.47 31.18
CA LEU A 436 -0.29 -22.91 30.83
C LEU A 436 -0.42 -21.38 30.82
N ARG A 437 -0.63 -20.81 32.00
CA ARG A 437 -0.56 -19.36 32.16
C ARG A 437 0.91 -18.91 32.21
N ASN A 438 1.54 -18.79 31.04
CA ASN A 438 2.88 -18.23 30.91
C ASN A 438 2.86 -16.70 30.91
N LEU A 439 1.65 -16.12 30.96
CA LEU A 439 1.38 -14.70 30.74
C LEU A 439 2.01 -13.78 31.79
N LEU A 440 2.49 -14.35 32.91
CA LEU A 440 3.27 -13.60 33.89
C LEU A 440 4.54 -13.00 33.29
N VAL A 441 5.38 -13.82 32.64
CA VAL A 441 6.73 -13.35 32.26
C VAL A 441 6.64 -12.28 31.18
N LEU A 442 5.65 -12.44 30.28
CA LEU A 442 5.28 -11.41 29.33
C LEU A 442 4.85 -10.13 30.02
N LEU A 443 3.94 -10.27 31.02
CA LEU A 443 3.50 -9.14 31.81
C LEU A 443 4.67 -8.55 32.59
N LEU A 444 5.58 -9.43 33.04
CA LEU A 444 6.79 -9.01 33.74
C LEU A 444 7.63 -8.11 32.86
N ALA A 445 7.84 -8.56 31.60
CA ALA A 445 8.55 -7.76 30.61
C ALA A 445 7.81 -6.47 30.34
N LEU A 446 6.48 -6.58 30.24
CA LEU A 446 5.59 -5.44 30.04
C LEU A 446 5.75 -4.46 31.19
N ALA A 447 5.72 -5.00 32.44
CA ALA A 447 5.79 -4.17 33.63
C ALA A 447 7.15 -3.53 33.75
N LEU A 448 8.20 -4.29 33.33
CA LEU A 448 9.58 -3.80 33.37
C LEU A 448 9.72 -2.55 32.52
N GLY A 449 9.17 -2.62 31.30
CA GLY A 449 9.36 -1.56 30.33
C GLY A 449 8.72 -0.27 30.78
N THR A 450 7.55 -0.40 31.45
CA THR A 450 6.82 0.79 31.87
C THR A 450 7.57 1.50 32.97
N LEU A 451 8.06 0.75 33.96
CA LEU A 451 8.80 1.39 35.05
C LEU A 451 10.18 1.83 34.57
N PHE A 452 10.74 1.09 33.59
CA PHE A 452 12.04 1.45 33.04
C PHE A 452 11.91 2.71 32.19
N GLY A 453 10.71 2.96 31.66
CA GLY A 453 10.49 4.23 31.03
C GLY A 453 10.01 5.29 32.01
N LEU A 454 9.34 4.89 33.09
CA LEU A 454 8.75 5.90 33.97
C LEU A 454 9.79 6.50 34.90
N LEU A 455 10.85 5.73 35.18
CA LEU A 455 12.01 6.19 35.93
C LEU A 455 13.00 6.98 35.09
N ARG A 456 12.63 7.31 33.85
CA ARG A 456 13.24 8.39 33.09
C ARG A 456 12.15 9.39 32.78
N GLY A 457 12.47 10.31 31.85
CA GLY A 457 11.53 11.30 31.36
C GLY A 457 10.21 10.80 30.80
N TYR A 458 10.18 9.55 30.33
CA TYR A 458 9.17 9.08 29.38
C TYR A 458 7.76 9.01 29.98
N THR A 459 6.86 9.78 29.38
CA THR A 459 5.45 9.84 29.74
C THR A 459 4.79 8.48 29.47
N LEU A 460 3.63 8.27 30.11
CA LEU A 460 3.03 6.93 30.27
C LEU A 460 2.65 6.33 28.91
N GLY A 461 2.32 7.19 27.94
CA GLY A 461 2.34 6.81 26.53
C GLY A 461 3.65 6.22 26.03
N ALA A 462 4.76 6.97 26.13
CA ALA A 462 6.05 6.51 25.61
C ALA A 462 6.61 5.35 26.44
N SER A 463 6.52 5.43 27.76
CA SER A 463 7.02 4.36 28.62
C SER A 463 6.17 3.10 28.50
N PHE A 464 4.86 3.24 28.30
CA PHE A 464 4.02 2.08 28.10
C PHE A 464 4.26 1.46 26.72
N ALA A 465 4.59 2.28 25.73
CA ALA A 465 4.98 1.75 24.42
C ALA A 465 6.30 0.99 24.49
N LEU A 466 7.24 1.49 25.30
CA LEU A 466 8.46 0.72 25.59
C LEU A 466 8.13 -0.61 26.25
N GLY A 467 7.17 -0.59 27.19
CA GLY A 467 6.70 -1.82 27.81
C GLY A 467 6.08 -2.79 26.81
N LEU A 468 5.33 -2.25 25.85
CA LEU A 468 4.69 -3.08 24.82
C LEU A 468 5.71 -3.72 23.89
N PHE A 469 6.74 -2.95 23.49
CA PHE A 469 7.80 -3.51 22.66
C PHE A 469 8.64 -4.56 23.41
N LEU A 470 8.91 -4.32 24.70
CA LEU A 470 9.68 -5.29 25.48
C LEU A 470 8.89 -6.58 25.71
N TYR A 471 7.58 -6.43 25.97
CA TYR A 471 6.65 -7.55 26.01
C TYR A 471 6.61 -8.30 24.68
N ASN A 472 6.67 -7.56 23.56
CA ASN A 472 6.59 -8.17 22.24
C ASN A 472 7.84 -8.95 21.90
N ALA A 473 9.02 -8.39 22.19
CA ALA A 473 10.28 -9.11 21.98
C ALA A 473 10.39 -10.32 22.90
N ALA A 474 9.81 -10.22 24.11
CA ALA A 474 9.69 -11.36 25.01
C ALA A 474 8.83 -12.47 24.39
N ALA A 475 7.72 -12.10 23.74
CA ALA A 475 6.86 -13.10 23.10
C ALA A 475 7.52 -13.74 21.87
N ILE A 476 8.31 -12.95 21.13
CA ILE A 476 9.06 -13.51 20.00
C ILE A 476 10.07 -14.53 20.49
N TYR A 477 10.78 -14.21 21.59
CA TYR A 477 11.71 -15.18 22.17
C TYR A 477 10.99 -16.41 22.74
N LEU A 478 9.83 -16.25 23.37
CA LEU A 478 9.13 -17.40 23.94
C LEU A 478 8.61 -18.33 22.87
N LEU A 479 8.16 -17.75 21.75
CA LEU A 479 7.75 -18.52 20.59
C LEU A 479 8.92 -19.27 19.96
N ALA A 480 10.07 -18.60 19.83
CA ALA A 480 11.25 -19.25 19.25
C ALA A 480 11.81 -20.34 20.16
N ARG A 481 11.80 -20.11 21.49
CA ARG A 481 12.31 -21.10 22.44
C ARG A 481 11.41 -22.32 22.47
N GLU A 482 10.08 -22.12 22.53
CA GLU A 482 9.18 -23.26 22.50
C GLU A 482 9.06 -23.88 21.11
N GLY A 483 9.57 -23.23 20.07
CA GLY A 483 9.67 -23.85 18.75
C GLY A 483 10.90 -24.70 18.52
N VAL A 484 12.08 -24.19 18.89
CA VAL A 484 13.33 -24.90 18.56
C VAL A 484 13.63 -26.02 19.56
N LEU A 485 12.84 -26.13 20.65
CA LEU A 485 13.08 -27.16 21.67
C LEU A 485 12.85 -28.57 21.14
N ALA A 486 12.01 -28.70 20.11
CA ALA A 486 11.90 -29.95 19.36
C ALA A 486 13.23 -30.30 18.72
N ARG A 487 13.88 -31.32 19.26
CA ARG A 487 15.19 -31.79 18.83
C ARG A 487 15.38 -33.21 19.31
N TRP A 495 15.65 -29.67 13.19
CA TRP A 495 16.29 -28.87 14.23
C TRP A 495 16.44 -27.45 13.72
N GLY A 496 16.69 -27.33 12.42
CA GLY A 496 16.65 -26.04 11.78
C GLY A 496 15.24 -25.48 11.82
N PHE A 497 15.05 -24.48 12.67
CA PHE A 497 13.77 -23.79 12.79
C PHE A 497 13.53 -22.87 11.61
N LEU A 498 14.61 -22.49 10.93
CA LEU A 498 14.56 -21.66 9.73
C LEU A 498 13.86 -22.38 8.56
N ALA A 499 13.80 -23.72 8.61
CA ALA A 499 13.00 -24.49 7.65
C ALA A 499 11.52 -24.16 7.74
N ASN A 500 10.99 -23.96 8.96
CA ASN A 500 9.56 -23.66 9.11
C ASN A 500 9.32 -22.21 8.74
N ARG A 501 9.24 -21.92 7.43
CA ARG A 501 9.41 -20.56 6.90
C ARG A 501 8.30 -19.62 7.34
N ARG A 502 7.08 -20.16 7.50
CA ARG A 502 5.93 -19.36 7.94
C ARG A 502 6.12 -18.81 9.35
N ARG A 503 6.52 -19.68 10.29
CA ARG A 503 6.67 -19.26 11.68
C ARG A 503 7.84 -18.29 11.88
N VAL A 504 9.02 -18.58 11.29
CA VAL A 504 10.19 -17.73 11.56
C VAL A 504 10.09 -16.40 10.80
N GLY A 505 9.60 -16.43 9.55
CA GLY A 505 9.37 -15.20 8.82
C GLY A 505 8.27 -14.35 9.43
N SER A 506 7.24 -15.02 9.97
CA SER A 506 6.17 -14.31 10.67
C SER A 506 6.68 -13.67 11.95
N LEU A 507 7.61 -14.34 12.60
CA LEU A 507 8.20 -13.81 13.85
C LEU A 507 9.01 -12.57 13.52
N VAL A 508 9.80 -12.60 12.46
CA VAL A 508 10.59 -11.42 12.05
C VAL A 508 9.65 -10.28 11.72
N VAL A 509 8.57 -10.58 10.98
CA VAL A 509 7.53 -9.59 10.62
C VAL A 509 6.83 -9.08 11.88
N HIS A 510 6.54 -9.97 12.81
CA HIS A 510 5.83 -9.52 14.02
C HIS A 510 6.70 -8.54 14.78
N PHE A 511 7.99 -8.87 14.89
CA PHE A 511 8.99 -8.04 15.60
C PHE A 511 9.14 -6.72 14.91
N ALA A 512 9.12 -6.74 13.59
CA ALA A 512 9.22 -5.51 12.80
C ALA A 512 8.03 -4.61 13.10
N VAL A 513 6.81 -5.14 13.19
CA VAL A 513 5.74 -4.20 13.58
C VAL A 513 5.98 -3.71 15.00
N ALA A 514 6.42 -4.58 15.91
CA ALA A 514 6.66 -4.21 17.32
C ALA A 514 7.54 -2.99 17.45
N LEU A 515 8.63 -2.96 16.67
CA LEU A 515 9.60 -1.89 16.57
C LEU A 515 9.00 -0.62 15.99
N MET A 516 8.03 -0.75 15.07
CA MET A 516 7.34 0.42 14.56
C MET A 516 6.35 1.02 15.55
N GLY A 517 5.70 0.20 16.38
CA GLY A 517 4.84 0.74 17.42
C GLY A 517 5.60 1.58 18.43
N LEU A 518 6.79 1.09 18.85
CA LEU A 518 7.69 1.91 19.68
C LEU A 518 8.11 3.19 18.97
N ALA A 519 8.55 3.07 17.71
CA ALA A 519 9.08 4.21 16.96
C ALA A 519 8.02 5.29 16.72
N ILE A 520 6.79 4.86 16.41
CA ILE A 520 5.70 5.80 16.15
C ILE A 520 5.27 6.50 17.43
N ALA A 521 5.17 5.78 18.56
CA ALA A 521 4.77 6.47 19.79
C ALA A 521 5.87 7.39 20.31
N PHE A 522 7.14 7.01 20.12
CA PHE A 522 8.25 7.85 20.56
C PHE A 522 8.41 9.09 19.67
N SER A 523 8.14 8.98 18.36
CA SER A 523 8.23 10.14 17.48
C SER A 523 6.99 11.03 17.58
N GLN A 524 5.82 10.44 17.83
CA GLN A 524 4.60 11.21 18.01
C GLN A 524 4.63 12.02 19.30
N THR A 525 5.11 11.42 20.38
CA THR A 525 5.19 12.14 21.66
C THR A 525 6.25 13.24 21.61
N TYR A 526 7.46 12.89 21.20
CA TYR A 526 8.65 13.67 21.53
C TYR A 526 9.21 14.44 20.34
N ARG A 527 8.44 15.39 19.83
CA ARG A 527 8.94 16.10 18.66
C ARG A 527 8.81 17.61 18.85
N LEU A 528 9.86 18.32 18.45
CA LEU A 528 9.88 19.77 18.54
C LEU A 528 10.22 20.39 17.20
N GLU A 529 9.49 21.45 16.85
CA GLU A 529 9.70 22.19 15.63
C GLU A 529 10.07 23.62 16.01
N SER A 530 11.00 24.20 15.24
CA SER A 530 11.32 25.61 15.44
C SER A 530 11.52 26.28 14.09
N GLU A 531 10.83 27.41 13.90
CA GLU A 531 10.90 28.20 12.69
C GLU A 531 11.62 29.51 13.01
N LYS A 532 12.77 29.70 12.38
CA LYS A 532 13.63 30.85 12.63
C LYS A 532 13.90 31.54 11.30
N THR A 533 14.52 32.71 11.33
CA THR A 533 14.92 33.39 10.10
C THR A 533 16.27 34.05 10.31
N LEU A 534 17.27 33.65 9.52
CA LEU A 534 18.64 33.97 9.87
C LEU A 534 19.30 34.70 8.71
N TYR A 535 20.11 35.70 9.04
CA TYR A 535 20.85 36.48 8.05
C TYR A 535 22.28 35.98 8.05
N ARG A 536 22.96 36.08 9.19
CA ARG A 536 24.03 35.20 9.61
C ARG A 536 23.78 34.75 11.04
N GLY A 537 22.51 34.51 11.36
CA GLY A 537 22.07 34.06 12.66
C GLY A 537 21.03 34.96 13.30
N GLU A 538 20.08 34.28 13.95
CA GLU A 538 19.10 34.87 14.84
C GLU A 538 18.94 33.96 16.05
N ALA A 539 19.10 32.66 15.81
CA ALA A 539 19.08 31.63 16.83
C ALA A 539 19.87 30.45 16.28
N TRP A 540 20.67 29.85 17.15
CA TRP A 540 21.70 28.92 16.69
C TRP A 540 21.47 27.50 17.20
N GLU A 541 21.27 27.34 18.51
CA GLU A 541 21.06 26.02 19.10
C GLU A 541 19.59 25.67 19.12
N VAL A 542 19.25 24.53 18.50
CA VAL A 542 17.98 23.85 18.74
C VAL A 542 18.29 22.36 18.85
N GLY A 543 17.80 21.73 19.91
CA GLY A 543 17.75 20.27 20.03
C GLY A 543 19.05 19.48 20.05
N GLY A 544 20.16 20.13 20.40
CA GLY A 544 21.41 19.43 20.63
C GLY A 544 22.56 19.83 19.74
N VAL A 545 22.34 20.60 18.68
CA VAL A 545 23.42 21.07 17.82
C VAL A 545 23.16 22.52 17.44
N ARG A 546 24.22 23.32 17.46
CA ARG A 546 24.06 24.75 17.11
C ARG A 546 24.53 24.96 15.69
N MET A 547 23.62 25.43 14.85
CA MET A 547 23.85 25.75 13.45
C MET A 547 24.04 27.26 13.31
N THR A 548 24.43 27.71 12.10
CA THR A 548 24.51 29.13 11.78
C THR A 548 24.41 29.30 10.26
N PHE A 549 23.97 30.49 9.85
CA PHE A 549 23.69 30.79 8.45
C PHE A 549 24.98 31.23 7.75
N GLN A 550 25.20 30.68 6.53
CA GLN A 550 26.40 30.99 5.75
C GLN A 550 26.13 31.36 4.30
N GLY A 551 24.88 31.64 3.93
CA GLY A 551 24.57 32.13 2.61
C GLY A 551 23.58 31.23 1.89
N VAL A 552 23.26 31.64 0.67
CA VAL A 552 22.50 30.84 -0.27
C VAL A 552 23.38 30.63 -1.50
N ARG A 553 23.27 29.46 -2.11
CA ARG A 553 23.88 29.21 -3.41
C ARG A 553 22.72 29.03 -4.38
N ALA A 554 22.97 29.30 -5.65
CA ALA A 554 22.08 28.83 -6.70
C ALA A 554 22.76 27.72 -7.50
N LEU A 555 22.01 26.66 -7.80
CA LEU A 555 22.48 25.53 -8.57
C LEU A 555 21.49 25.25 -9.69
N ASP A 556 21.97 25.13 -10.92
CA ASP A 556 21.13 24.69 -12.04
C ASP A 556 21.50 23.25 -12.36
N GLU A 557 20.56 22.35 -12.07
CA GLU A 557 20.60 21.01 -12.64
C GLU A 557 19.60 20.82 -13.78
N GLY A 558 18.59 21.65 -13.89
CA GLY A 558 17.65 21.22 -14.94
C GLY A 558 16.29 21.58 -14.56
N ARG A 559 15.42 21.74 -15.55
CA ARG A 559 13.95 22.00 -15.48
C ARG A 559 13.58 22.77 -14.22
N ARG A 560 14.32 22.56 -13.14
CA ARG A 560 14.28 23.28 -11.88
C ARG A 560 15.66 23.80 -11.56
N PHE A 561 15.62 25.02 -11.05
CA PHE A 561 16.71 25.77 -10.48
C PHE A 561 16.62 25.54 -8.99
N ALA A 562 17.76 25.32 -8.34
CA ALA A 562 17.76 24.98 -6.94
C ALA A 562 18.47 26.05 -6.12
N VAL A 563 18.01 26.25 -4.89
CA VAL A 563 18.67 27.19 -3.99
C VAL A 563 18.89 26.55 -2.63
N GLU A 564 19.80 27.16 -1.87
CA GLU A 564 20.57 26.50 -0.83
C GLU A 564 20.47 27.28 0.47
N ALA A 565 20.62 26.58 1.59
CA ALA A 565 21.04 27.16 2.86
C ALA A 565 22.18 26.29 3.40
N LEU A 566 23.39 26.83 3.38
CA LEU A 566 24.58 26.12 3.86
C LEU A 566 24.78 26.46 5.33
N LEU A 567 24.80 25.45 6.18
CA LEU A 567 24.85 25.62 7.62
C LEU A 567 26.21 25.16 8.13
N LYS A 568 26.46 25.30 9.43
CA LYS A 568 27.72 24.91 10.05
C LYS A 568 27.50 24.32 11.43
N THR A 569 28.21 23.23 11.76
CA THR A 569 28.19 22.69 13.12
C THR A 569 29.59 22.27 13.53
N ASP A 570 29.89 22.39 14.84
CA ASP A 570 31.08 21.91 15.56
C ASP A 570 31.27 20.39 15.45
N ARG A 571 32.47 20.03 15.91
CA ARG A 571 33.11 18.70 16.05
C ARG A 571 32.28 17.60 15.41
N PHE A 572 31.46 16.93 16.22
CA PHE A 572 30.75 15.78 15.67
C PHE A 572 29.26 16.06 15.46
N GLY A 573 28.80 17.27 15.77
CA GLY A 573 27.60 17.78 15.14
C GLY A 573 27.87 17.88 13.65
N GLU A 574 26.89 17.47 12.85
CA GLU A 574 26.97 17.33 11.39
C GLU A 574 27.45 18.60 10.70
N VAL A 575 28.69 18.54 10.19
CA VAL A 575 29.44 19.73 9.82
C VAL A 575 29.20 20.05 8.35
N ARG A 576 28.81 21.30 8.11
CA ARG A 576 28.41 21.83 6.80
C ARG A 576 27.30 21.06 6.07
N PRO A 577 26.03 21.19 6.51
CA PRO A 577 24.93 20.62 5.73
C PRO A 577 24.26 21.65 4.82
N ARG A 578 23.47 21.11 3.88
CA ARG A 578 22.90 21.87 2.77
C ARG A 578 21.48 21.40 2.45
N LEU A 579 20.48 22.01 3.08
CA LEU A 579 19.06 21.76 2.79
C LEU A 579 18.65 22.48 1.51
N HIS A 580 17.55 22.06 0.89
CA HIS A 580 17.33 22.47 -0.48
C HIS A 580 16.02 23.23 -0.65
N PHE A 581 15.86 23.83 -1.82
CA PHE A 581 14.60 24.49 -2.17
C PHE A 581 14.49 24.56 -3.68
N TYR A 582 13.28 24.42 -4.23
CA TYR A 582 13.12 24.65 -5.66
C TYR A 582 12.09 25.73 -5.92
N PRO A 583 12.39 26.85 -6.77
CA PRO A 583 11.51 27.92 -7.70
C PRO A 583 11.46 26.78 -8.75
N GLN A 584 10.41 25.92 -8.80
CA GLN A 584 10.34 24.90 -9.84
C GLN A 584 9.47 25.43 -10.97
N MET A 585 10.06 25.57 -12.17
CA MET A 585 9.46 26.34 -13.26
C MET A 585 8.17 25.72 -13.82
N ASN A 586 8.04 24.38 -13.77
CA ASN A 586 6.98 23.69 -14.52
C ASN A 586 5.59 23.91 -13.94
N SER A 587 5.43 23.66 -12.64
CA SER A 587 4.21 23.90 -11.89
C SER A 587 4.06 25.42 -11.72
N PRO A 588 2.85 25.97 -11.23
CA PRO A 588 2.68 27.44 -11.21
C PRO A 588 3.63 28.24 -10.32
N LEU A 589 4.91 28.29 -10.78
CA LEU A 589 6.16 28.69 -10.14
C LEU A 589 6.23 28.47 -8.63
N PRO A 590 5.94 27.25 -8.12
CA PRO A 590 5.90 27.09 -6.66
C PRO A 590 7.26 26.86 -6.07
N ALA A 591 7.30 27.05 -4.75
CA ALA A 591 8.46 26.70 -3.95
C ALA A 591 8.21 25.45 -3.11
N PRO A 592 8.42 24.21 -3.65
CA PRO A 592 8.48 23.06 -2.75
C PRO A 592 9.89 22.76 -2.27
N LYS A 593 9.95 22.26 -1.05
CA LYS A 593 11.19 21.92 -0.39
C LYS A 593 11.59 20.47 -0.71
N VAL A 594 12.88 20.19 -0.60
CA VAL A 594 13.37 18.85 -0.24
C VAL A 594 14.34 19.02 0.93
N ILE A 595 14.04 18.32 2.00
CA ILE A 595 14.71 18.40 3.29
C ILE A 595 16.02 17.64 3.25
N TYR A 596 16.97 18.03 4.10
CA TYR A 596 18.12 17.18 4.34
C TYR A 596 18.03 16.63 5.75
N THR A 597 18.39 15.36 5.91
CA THR A 597 18.29 14.73 7.22
C THR A 597 19.46 13.82 7.60
N PRO A 598 20.15 14.12 8.68
CA PRO A 598 21.04 13.14 9.33
C PRO A 598 20.29 12.08 10.11
N GLY A 599 20.55 10.82 9.75
CA GLY A 599 20.25 9.72 10.64
C GLY A 599 21.30 9.61 11.73
N ASN A 600 20.85 9.15 12.90
CA ASN A 600 21.74 8.92 14.03
C ASN A 600 21.43 7.60 14.69
N ASP A 601 22.31 7.27 15.64
CA ASP A 601 22.24 6.05 16.42
C ASP A 601 20.94 5.94 17.20
N TYR A 602 20.32 7.05 17.47
CA TYR A 602 19.04 6.94 18.18
C TYR A 602 18.10 7.84 17.42
N TYR A 603 18.34 8.17 16.14
CA TYR A 603 17.65 9.43 15.86
C TYR A 603 17.56 9.73 14.36
N PHE A 604 16.86 10.84 14.07
CA PHE A 604 16.70 11.46 12.77
C PHE A 604 16.51 12.95 13.03
N LEU A 605 17.16 13.83 12.25
CA LEU A 605 17.00 15.28 12.42
C LEU A 605 16.65 15.92 11.09
N LEU A 606 15.49 16.58 10.99
CA LEU A 606 15.03 17.02 9.67
C LEU A 606 15.17 18.53 9.51
N MET A 607 15.83 18.93 8.41
CA MET A 607 16.20 20.32 8.15
C MET A 607 15.47 20.83 6.92
N ASP A 608 14.78 21.96 7.10
CA ASP A 608 13.75 22.56 6.26
C ASP A 608 14.06 24.02 5.97
N PHE A 609 13.61 24.47 4.82
CA PHE A 609 13.92 25.84 4.36
C PHE A 609 12.80 26.84 4.69
N ASP A 610 11.56 26.50 4.32
CA ASP A 610 10.30 27.27 4.53
C ASP A 610 10.19 28.37 3.48
N ARG A 611 10.66 29.56 3.78
CA ARG A 611 10.87 30.54 2.70
C ARG A 611 12.32 30.99 2.63
N GLU A 612 12.87 30.89 1.44
CA GLU A 612 14.15 31.53 1.20
C GLU A 612 13.69 32.89 0.70
N LYS A 613 13.96 33.98 1.42
CA LYS A 613 13.55 35.29 0.94
C LYS A 613 14.72 35.85 0.13
N GLY A 614 14.55 37.07 -0.41
CA GLY A 614 15.39 37.66 -1.44
C GLY A 614 16.89 37.75 -1.21
N GLU A 615 17.29 38.24 -0.03
CA GLU A 615 18.69 38.25 0.37
C GLU A 615 18.95 37.71 1.78
N TRP A 616 17.92 37.45 2.59
CA TRP A 616 18.04 36.74 3.86
C TRP A 616 17.11 35.53 3.74
N ALA A 617 17.34 34.47 4.51
CA ALA A 617 16.40 33.36 4.41
C ALA A 617 15.95 32.85 5.77
N SER A 618 14.84 32.11 5.75
CA SER A 618 14.27 31.46 6.91
C SER A 618 14.69 29.99 6.95
N LEU A 619 14.43 29.35 8.09
CA LEU A 619 14.72 27.94 8.31
C LEU A 619 13.66 27.32 9.21
N ARG A 620 13.42 26.03 9.05
CA ARG A 620 12.67 25.23 10.02
C ARG A 620 13.47 23.98 10.36
N LEU A 621 13.53 23.63 11.64
CA LEU A 621 14.26 22.43 12.07
C LEU A 621 13.34 21.65 13.00
N ILE A 622 12.97 20.40 12.57
CA ILE A 622 12.17 19.53 13.43
C ILE A 622 13.02 18.37 13.94
N VAL A 623 12.72 17.94 15.17
CA VAL A 623 13.50 16.97 15.91
C VAL A 623 12.56 15.90 16.46
N THR A 624 12.79 14.66 16.04
CA THR A 624 12.02 13.45 16.27
C THR A 624 12.94 12.28 16.62
N PRO A 625 12.52 11.38 17.51
CA PRO A 625 13.33 10.20 17.83
C PRO A 625 12.89 8.95 17.09
N LEU A 626 13.88 8.08 16.83
CA LEU A 626 13.72 6.69 16.38
C LEU A 626 12.96 6.55 15.06
N VAL A 627 13.02 7.56 14.20
CA VAL A 627 12.35 7.47 12.90
C VAL A 627 13.19 6.66 11.92
N PHE A 628 14.50 6.58 12.16
CA PHE A 628 15.36 5.71 11.35
C PHE A 628 15.13 4.24 11.70
N TRP A 629 14.83 3.96 12.95
CA TRP A 629 14.54 2.59 13.38
C TRP A 629 13.18 2.12 12.89
N MET A 630 12.28 3.06 12.64
CA MET A 630 11.02 2.78 11.97
C MET A 630 11.25 2.24 10.56
N TRP A 631 12.25 2.75 9.86
CA TRP A 631 12.55 2.25 8.51
C TRP A 631 13.43 1.01 8.54
N VAL A 632 14.24 0.83 9.60
CA VAL A 632 14.93 -0.46 9.70
C VAL A 632 13.91 -1.56 10.03
N ALA A 633 12.81 -1.20 10.70
CA ALA A 633 11.69 -2.12 10.88
C ALA A 633 10.96 -2.39 9.57
N GLY A 634 10.80 -1.35 8.74
CA GLY A 634 10.25 -1.56 7.40
C GLY A 634 11.09 -2.49 6.54
N GLY A 635 12.42 -2.32 6.59
CA GLY A 635 13.34 -3.27 6.00
C GLY A 635 13.22 -4.67 6.58
N LEU A 636 12.98 -4.79 7.90
CA LEU A 636 12.84 -6.10 8.52
C LEU A 636 11.55 -6.79 8.06
N MET A 637 10.48 -6.01 7.86
CA MET A 637 9.24 -6.52 7.27
C MET A 637 9.44 -7.01 5.84
N ALA A 638 10.25 -6.27 5.06
CA ALA A 638 10.52 -6.67 3.68
C ALA A 638 11.31 -7.98 3.62
N LEU A 639 12.42 -8.05 4.36
CA LEU A 639 13.23 -9.27 4.45
C LEU A 639 12.63 -10.35 5.35
N GLY A 640 11.42 -10.17 5.89
CA GLY A 640 10.67 -11.27 6.47
C GLY A 640 9.57 -11.86 5.60
N THR A 641 8.75 -10.98 5.00
CA THR A 641 7.70 -11.42 4.09
C THR A 641 8.30 -12.06 2.82
N LEU A 642 9.50 -11.61 2.42
CA LEU A 642 10.24 -12.37 1.42
C LEU A 642 10.70 -13.74 1.93
N TYR A 643 10.90 -13.89 3.25
CA TYR A 643 11.34 -15.18 3.77
C TYR A 643 10.17 -16.16 3.88
N ILE A 644 8.93 -15.65 4.00
CA ILE A 644 7.77 -16.55 3.88
C ILE A 644 7.72 -17.18 2.48
N LEU A 645 8.07 -16.39 1.46
CA LEU A 645 8.32 -16.90 0.12
C LEU A 645 9.71 -17.55 0.05
N TRP A 646 10.09 -18.03 -1.13
CA TRP A 646 11.43 -18.63 -1.25
C TRP A 646 12.47 -17.53 -1.52
N PRO A 647 13.54 -17.45 -0.71
CA PRO A 647 14.63 -16.50 -0.89
C PRO A 647 15.36 -16.63 -2.23
CHA HEM B . 1.26 -14.69 10.54
CHB HEM B . -0.89 -13.70 14.83
CHC HEM B . -0.89 -8.91 13.71
CHD HEM B . 1.69 -9.95 9.70
C1A HEM B . 0.68 -14.79 11.79
C2A HEM B . 0.42 -16.02 12.44
C3A HEM B . -0.18 -15.76 13.63
C4A HEM B . -0.32 -14.37 13.75
CMA HEM B . -0.63 -16.76 14.66
CAA HEM B . 0.77 -17.42 11.91
CBA HEM B . 2.25 -17.75 12.12
CGA HEM B . 2.61 -17.81 13.58
O1A HEM B . 3.46 -17.02 14.05
O2A HEM B . 2.06 -18.65 14.33
C1B HEM B . -1.09 -12.29 14.84
C2B HEM B . -1.85 -11.64 15.83
C3B HEM B . -1.86 -10.31 15.53
C4B HEM B . -1.09 -10.15 14.30
CMB HEM B . -2.52 -12.27 17.01
CAB HEM B . -2.52 -9.22 16.26
CBB HEM B . -3.85 -8.82 15.72
C1C HEM B . -0.12 -8.78 12.58
C2C HEM B . 0.37 -7.58 12.06
C3C HEM B . 1.09 -7.91 10.94
C4C HEM B . 1.05 -9.31 10.76
CMC HEM B . 0.16 -6.18 12.59
CAC HEM B . 1.77 -6.95 10.08
CBC HEM B . 3.22 -6.71 10.24
C1D HEM B . 1.75 -11.35 9.54
C2D HEM B . 2.32 -12.03 8.36
C3D HEM B . 2.20 -13.36 8.59
C4D HEM B . 1.57 -13.48 9.92
CMD HEM B . 2.90 -11.37 7.13
CAD HEM B . 2.65 -14.49 7.66
CBD HEM B . 1.40 -15.10 7.00
CGD HEM B . 1.70 -16.15 5.96
O1D HEM B . 1.53 -17.37 6.19
O2D HEM B . 2.09 -15.79 4.83
NA HEM B . 0.18 -13.78 12.61
NB HEM B . -0.67 -11.38 13.95
NC HEM B . 0.34 -9.82 11.79
ND HEM B . 1.34 -12.25 10.40
FE HEM B . 0.45 -11.82 12.25
C1B LMT C . 8.15 14.64 33.74
C2B LMT C . 7.41 13.28 33.73
C3B LMT C . 6.37 13.15 32.59
C4B LMT C . 5.59 14.46 32.40
C5B LMT C . 6.65 15.46 31.91
C6B LMT C . 6.01 16.82 31.78
O1B LMT C . 9.52 14.34 33.80
O2B LMT C . 8.37 12.31 33.58
O3B LMT C . 5.54 12.07 32.77
O4' LMT C . 4.61 14.32 31.45
O5B LMT C . 7.89 15.50 32.65
O6B LMT C . 5.00 16.76 30.86
C1' LMT C . 9.87 12.69 36.70
C2' LMT C . 9.78 14.10 37.34
C3' LMT C . 9.68 15.16 36.19
C4' LMT C . 10.40 14.79 34.83
C5' LMT C . 11.46 13.64 35.05
C6' LMT C . 12.89 14.10 35.29
O1' LMT C . 9.84 11.68 37.63
O2' LMT C . 8.66 14.16 38.13
O3' LMT C . 10.15 16.37 36.62
O5' LMT C . 11.13 12.60 36.00
O6' LMT C . 12.95 15.44 35.01
C1 LMT C . 9.26 10.48 37.13
C2 LMT C . 9.51 9.42 38.17
C3 LMT C . 8.33 8.93 38.94
C4 LMT C . 8.11 7.46 38.62
C5 LMT C . 7.77 6.70 39.87
C6 LMT C . 7.37 5.28 39.62
C7 LMT C . 5.89 5.22 39.37
C8 LMT C . 5.33 4.06 40.10
C9 LMT C . 3.84 3.99 40.09
C10 LMT C . 3.42 3.45 41.43
C11 LMT C . 2.84 4.53 42.30
C12 LMT C . 2.51 4.02 43.66
C1B LMT D . 1.63 17.57 12.31
C2B LMT D . 0.84 18.39 13.38
C3B LMT D . 1.33 19.86 13.57
C4B LMT D . 2.63 20.22 12.79
C5B LMT D . 2.40 19.73 11.35
C6B LMT D . 3.55 20.20 10.46
O1B LMT D . 0.83 16.53 11.80
O2B LMT D . -0.48 18.37 12.99
O3B LMT D . 1.44 20.17 14.89
O4' LMT D . 2.84 21.59 12.79
O5B LMT D . 2.20 18.32 11.23
O6B LMT D . 3.59 21.58 10.44
C1' LMT D . 0.29 12.33 12.41
C2' LMT D . -0.45 13.30 13.38
C3' LMT D . -0.47 14.75 12.80
C4' LMT D . 0.93 15.23 12.38
C5' LMT D . 1.33 14.19 11.30
C6' LMT D . 2.56 14.51 10.48
O1' LMT D . 0.68 11.18 13.07
O2' LMT D . -1.75 12.88 13.52
O3' LMT D . -1.02 15.61 13.69
O5' LMT D . 1.51 12.93 11.92
O6' LMT D . 3.61 14.38 11.33
C1 LMT D . -0.16 10.05 12.94
C2 LMT D . 0.75 8.86 12.98
C3 LMT D . 0.25 7.63 13.68
C4 LMT D . -0.54 6.78 12.73
C5 LMT D . -1.00 5.53 13.42
C6 LMT D . -1.04 4.32 12.55
C7 LMT D . 0.27 4.12 11.84
C8 LMT D . 0.60 2.67 11.79
C9 LMT D . 0.98 2.21 10.42
C10 LMT D . 1.24 0.74 10.48
C11 LMT D . 1.73 0.24 9.16
C12 LMT D . 2.70 -0.88 9.32
C1 PTY E . -22.21 9.41 -17.47
C2 PTY E . -24.14 16.24 -16.51
C3 PTY E . -23.43 15.29 -15.54
O4 PTY E . -20.97 9.30 -18.11
C5 PTY E . -21.63 10.65 -15.34
C6 PTY E . -22.09 9.31 -15.95
O7 PTY E . -21.25 8.24 -15.55
C8 PTY E . -21.90 7.04 -15.19
O10 PTY E . -23.08 6.95 -15.33
C11 PTY E . -21.12 5.82 -14.63
C12 PTY E . -22.01 4.56 -14.49
C13 PTY E . -21.49 3.57 -13.44
C14 PTY E . -21.53 2.10 -13.89
C15 PTY E . -20.39 1.26 -13.28
C16 PTY E . -20.75 -0.21 -13.06
C17 PTY E . -19.79 -1.13 -13.85
C18 PTY E . -19.61 -2.51 -13.19
C19 PTY E . -18.82 -3.44 -14.13
C20 PTY E . -18.93 -4.90 -13.66
C21 PTY E . -18.67 -5.86 -14.83
C22 PTY E . -19.63 -7.05 -14.77
C23 PTY E . -19.12 -8.13 -13.80
C24 PTY E . -20.00 -9.39 -13.87
C25 PTY E . -19.39 -10.55 -13.08
C26 PTY E . -20.34 -10.96 -11.94
C27 PTY E . -20.31 -12.48 -11.75
C28 PTY E . -20.84 -12.79 -10.35
C29 PTY E . -21.39 -14.20 -10.27
C30 PTY E . -21.10 8.81 -19.42
C31 PTY E . -21.24 7.32 -19.65
O30 PTY E . -21.11 9.56 -20.35
C32 PTY E . -20.12 6.57 -18.92
C33 PTY E . -20.37 5.07 -18.90
C34 PTY E . -19.12 4.35 -18.37
C35 PTY E . -19.37 2.84 -18.28
C36 PTY E . -18.06 2.06 -18.43
C37 PTY E . -18.36 0.68 -19.02
C38 PTY E . -17.93 -0.40 -18.03
C39 PTY E . -18.39 -1.78 -18.51
C40 PTY E . -19.57 -2.24 -17.65
C41 PTY E . -19.86 -3.73 -17.86
C42 PTY E . -20.89 -3.91 -18.96
C43 PTY E . -21.58 -5.27 -18.80
C44 PTY E . -21.02 -6.23 -19.84
P1 PTY E . -23.13 12.74 -16.09
O11 PTY E . -22.71 14.33 -16.26
O12 PTY E . -23.83 12.56 -14.77
O13 PTY E . -24.09 12.41 -17.20
O14 PTY E . -21.81 11.75 -16.21
N1 PTY E . -25.57 16.20 -16.27
C1 PTY F . 1.22 -16.34 -7.57
C2 PTY F . -1.46 -21.89 -3.29
C3 PTY F . -0.87 -22.03 -4.69
O4 PTY F . 1.32 -15.19 -8.36
C5 PTY F . 1.85 -18.79 -7.50
C6 PTY F . 1.96 -17.48 -8.28
O7 PTY F . 3.31 -17.10 -8.35
C8 PTY F . 3.97 -17.25 -9.59
O10 PTY F . 3.85 -18.26 -10.20
C11 PTY F . 4.85 -16.12 -10.11
C12 PTY F . 5.24 -16.39 -11.57
C13 PTY F . 6.08 -15.26 -12.15
C14 PTY F . 7.40 -15.12 -11.39
C15 PTY F . 8.40 -14.29 -12.19
C16 PTY F . 9.39 -13.65 -11.23
C17 PTY F . 9.97 -12.35 -11.80
C18 PTY F . 9.47 -11.07 -11.11
C19 PTY F . 9.19 -11.24 -9.61
C20 PTY F . 9.65 -10.00 -8.83
C21 PTY F . 8.76 -8.78 -9.13
C22 PTY F . 9.27 -7.58 -8.32
C23 PTY F . 8.16 -6.57 -8.05
C24 PTY F . 8.38 -5.32 -8.92
C25 PTY F . 8.25 -4.04 -8.07
C26 PTY F . 8.71 -2.83 -8.86
C27 PTY F . 9.18 -1.73 -7.90
C28 PTY F . 10.24 -0.88 -8.61
C29 PTY F . 11.28 -0.39 -7.61
C30 PTY F . 1.39 -13.98 -7.65
C31 PTY F . 1.76 -12.68 -8.38
O30 PTY F . 1.18 -13.96 -6.48
C32 PTY F . 3.07 -12.77 -9.16
C33 PTY F . 3.43 -11.37 -9.67
C34 PTY F . 4.90 -11.06 -9.40
C35 PTY F . 5.05 -9.55 -9.17
C36 PTY F . 4.73 -8.81 -10.48
C37 PTY F . 5.55 -7.51 -10.57
C38 PTY F . 5.25 -6.78 -11.88
C39 PTY F . 6.00 -5.44 -11.95
C40 PTY F . 6.45 -5.17 -13.38
C41 PTY F . 7.33 -3.93 -13.44
C42 PTY F . 8.79 -4.35 -13.23
C43 PTY F . 9.59 -4.03 -14.49
C44 PTY F . 11.04 -3.84 -14.09
P1 PTY F . 0.22 -20.69 -6.67
O11 PTY F . -0.32 -20.81 -5.12
O12 PTY F . -0.83 -21.24 -7.59
O13 PTY F . 1.46 -21.54 -6.83
O14 PTY F . 0.56 -19.10 -7.06
N1 PTY F . -1.75 -23.22 -2.76
C1 PTY G . 6.65 -18.38 -4.55
C2 PTY G . 3.76 -24.48 -0.53
C3 PTY G . 3.24 -24.18 -1.93
O4 PTY G . 6.09 -17.09 -4.59
C5 PTY G . 4.80 -20.21 -4.53
C6 PTY G . 5.84 -19.41 -5.35
O7 PTY G . 6.74 -20.26 -6.01
C8 PTY G . 6.81 -20.10 -7.40
O10 PTY G . 5.83 -20.22 -8.06
C11 PTY G . 8.16 -19.77 -8.06
C12 PTY G . 8.01 -18.60 -9.03
C13 PTY G . 9.40 -18.04 -9.37
C14 PTY G . 9.60 -16.69 -8.69
C15 PTY G . 10.35 -16.84 -7.37
C16 PTY G . 10.72 -15.45 -6.86
C17 PTY G . 11.30 -15.56 -5.45
C18 PTY G . 11.46 -14.17 -4.85
C19 PTY G . 12.31 -13.26 -5.74
C20 PTY G . 12.05 -11.80 -5.36
C21 PTY G . 13.14 -10.93 -6.00
C22 PTY G . 13.04 -9.47 -5.58
C23 PTY G . 13.03 -9.33 -4.04
C24 PTY G . 12.71 -7.90 -3.65
C25 PTY G . 11.41 -7.41 -4.30
C26 PTY G . 11.52 -5.88 -4.39
C27 PTY G . 10.85 -5.40 -5.68
C28 PTY G . 11.50 -4.10 -6.10
C29 PTY G . 11.98 -4.26 -7.54
C30 PTY G . 6.59 -16.19 -5.55
C31 PTY G . 7.40 -14.94 -5.16
O30 PTY G . 6.38 -16.38 -6.70
C32 PTY G . 7.18 -13.80 -6.15
C33 PTY G . 8.21 -12.67 -6.02
C34 PTY G . 7.56 -11.36 -5.58
C35 PTY G . 7.43 -11.31 -4.06
C36 PTY G . 7.72 -9.91 -3.51
C37 PTY G . 6.48 -9.36 -2.79
C38 PTY G . 6.66 -9.41 -1.28
C39 PTY G . 7.83 -8.54 -0.84
C40 PTY G . 7.39 -7.08 -0.80
C41 PTY G . 8.59 -6.17 -1.03
C42 PTY G . 8.31 -5.37 -2.29
C43 PTY G . 9.01 -4.01 -2.22
C44 PTY G . 8.64 -3.19 -3.45
P1 PTY G . 4.81 -22.63 -3.38
O11 PTY G . 3.55 -22.87 -2.35
O12 PTY G . 5.97 -23.47 -2.87
O13 PTY G . 4.46 -23.18 -4.74
O14 PTY G . 5.31 -21.05 -3.51
N1 PTY G . 2.64 -24.74 0.36
C1 PTY H . 0.53 11.18 22.85
C2 PTY H . -5.87 9.93 24.88
C3 PTY H . -4.87 10.56 25.85
O4 PTY H . 0.82 10.81 21.54
C5 PTY H . -0.28 10.33 25.05
C6 PTY H . 0.05 9.95 23.61
O7 PTY H . 1.05 8.97 23.60
C8 PTY H . 0.67 7.81 22.91
O10 PTY H . 1.18 7.54 21.87
C11 PTY H . -0.42 6.90 23.50
C12 PTY H . 0.13 5.52 23.85
C13 PTY H . -0.61 5.01 25.09
C14 PTY H . -2.02 4.56 24.70
C15 PTY H . -2.74 3.96 25.91
C16 PTY H . -2.89 2.45 25.79
C17 PTY H . -3.35 1.89 27.15
C18 PTY H . -3.62 0.38 27.10
C19 PTY H . -3.72 -0.13 28.55
C20 PTY H . -3.37 -1.61 28.69
C21 PTY H . -3.02 -1.92 30.15
C22 PTY H . -4.02 -2.90 30.77
C23 PTY H . -3.57 -3.30 32.19
C24 PTY H . -4.25 -4.60 32.60
C25 PTY H . -3.50 -5.23 33.79
C26 PTY H . -3.46 -6.74 33.61
C27 PTY H . -4.43 -7.40 34.59
C28 PTY H . -4.86 -8.75 34.05
C29 PTY H . -5.77 -8.55 32.84
C30 PTY H . 0.34 11.68 20.55
C31 PTY H . -0.04 11.17 19.17
O30 PTY H . 0.25 12.84 20.79
C32 PTY H . -0.14 9.63 19.19
C33 PTY H . -0.59 9.14 17.82
C34 PTY H . -1.22 7.76 17.97
C35 PTY H . -0.13 6.74 18.27
C36 PTY H . -0.23 5.60 17.26
C37 PTY H . 0.22 4.29 17.91
C38 PTY H . 0.02 3.18 16.89
C39 PTY H . 0.99 2.03 17.16
C40 PTY H . 1.17 1.20 15.90
C41 PTY H . 1.07 -0.27 16.31
C42 PTY H . 1.40 -1.16 15.11
C43 PTY H . 0.27 -1.04 14.09
C44 PTY H . 0.36 -2.18 13.07
P1 PTY H . -2.46 11.56 25.90
O11 PTY H . -3.58 10.51 25.31
O12 PTY H . -2.18 11.24 27.35
O13 PTY H . -3.01 12.97 25.83
O14 PTY H . -1.06 11.49 25.03
N1 PTY H . -7.15 9.71 25.53
#